data_9MGQ
#
_entry.id   9MGQ
#
_cell.length_a   101.660
_cell.length_b   137.700
_cell.length_c   178.000
_cell.angle_alpha   90.00
_cell.angle_beta   90.00
_cell.angle_gamma   90.00
#
_symmetry.space_group_name_H-M   'I 2 2 2'
#
loop_
_entity.id
_entity.type
_entity.pdbx_description
1 polymer 'Protein arginine N-methyltransferase 5'
2 polymer 'Methylosome protein 50'
3 non-polymer SINEFUNGIN
4 non-polymer 2-(cyclobutylamino)-N-{(2R)-2-hydroxy-2-[(3S)-1,2,3,4-tetrahydroisoquinolin-3-yl]ethyl}pyridine-4-carboxamide
5 non-polymer 1,2-ETHANEDIOL
6 non-polymer 'SULFATE ION'
7 non-polymer DI(HYDROXYETHYL)ETHER
8 water water
#
loop_
_entity_poly.entity_id
_entity_poly.type
_entity_poly.pdbx_seq_one_letter_code
_entity_poly.pdbx_strand_id
1 'polypeptide(L)'
;MDYKDDDDKAAMAVGGAGGSRVSSGRDLNCVPEIADTLGAVAKQGFDFLCMPVFHPRFKREFIQEPAKNRPGPQTRSDLL
LSGRDWNTLIVGKLSPWIRPDSKVEKIRRNSEAAMLQELNFGAYLGLPAFLLPLNQEDNTNLARVLTNHIHTGHHSSMFW
MRVPLVAPEDLRDDIIENAPTTHTEEYSGEEKTWMWWHNFRTLCDYSKRIAVALEIGADLPSNHVIDRWLGEPIKAAILP
TSIFLTNKKGFPVLSKMHQRLIFRLLKLEVQFIITGTNHHSEKEFCSYLQYLEYLSQNRPPPNAYELFAKGYEDYLQSPL
QPLMDNLESQTYEVFEKDPIKYSQYQQAIYKCLLDRVPEEEKDTNVQVLMVLGAGRGPLVNASLRAAKQADRRIKLYAVE
KNPNAVVTLENWQFEEWGSQVTVVSSDMREWVAPEKADIIVSELLGSFADNELSPECLDGAQHFLKDDGVSIPGEYTSFL
APISSSKLYNEVRACREKDRDPEAQFEMPYVVRLHNFHQLSAPQPCFTFSHPNRDPMIDNNRYCTLEFPVEVNTVLHGFA
GYFETVLYQDITLSIRPETHSPGMFSWFPILFPIKQPITVREGQTICVRFWRCSNSKKVWYEWAVTAPVCSAIHNPTGRS
YTIGL
;
A
2 'polypeptide(L)'
;MHHHHHHHHRKETPPPLVPPAAREWNLPPNAPACMERQLEAARYRSDGALLLGASSLSGRCWAGSLWLFKDPCAAPNEGF
CSAGVQTEAGVADLTWVGERGILVASDSGAVELWELDENETLIVSKFCKYEHDDIVSTVSVLSSGTQAVSGSKDICIKVW
DLAQQVVLSSYRAHAAQVTCVAASPHKDSVFLSCSEDNRILLWDTRCPKPASQIGCSAPGYLPTSLAWHPQQSEVFVFGD
ENGTVSLVDTKSTSCVLSSAVHSQCVTGLVFSPHSVPFLASLSEDCSLAVLDSSLSELFRSQAHRDFVRDATWSPLNHSL
LTTVGWDHQVVHHVVPTEPLPAPGPASVTE
;
B
#
loop_
_chem_comp.id
_chem_comp.type
_chem_comp.name
_chem_comp.formula
A1BLG non-polymer 2-(cyclobutylamino)-N-{(2R)-2-hydroxy-2-[(3S)-1,2,3,4-tetrahydroisoquinolin-3-yl]ethyl}pyridine-4-carboxamide 'C21 H26 N4 O2'
EDO non-polymer 1,2-ETHANEDIOL 'C2 H6 O2'
PEG non-polymer DI(HYDROXYETHYL)ETHER 'C4 H10 O3'
SFG non-polymer SINEFUNGIN 'C15 H23 N7 O5'
SO4 non-polymer 'SULFATE ION' 'O4 S -2'
#
# COMPACT_ATOMS: atom_id res chain seq x y z
N VAL A 22 15.20 -8.92 -3.03
CA VAL A 22 14.46 -7.74 -2.57
C VAL A 22 14.49 -6.63 -3.62
N SER A 23 13.31 -6.34 -4.20
CA SER A 23 13.13 -5.24 -5.15
C SER A 23 12.88 -4.03 -4.26
N SER A 24 13.79 -3.05 -4.30
CA SER A 24 13.73 -1.90 -3.43
C SER A 24 13.76 -0.55 -4.11
N GLY A 25 13.08 0.41 -3.49
CA GLY A 25 13.00 1.77 -3.99
C GLY A 25 13.30 2.81 -2.94
N ARG A 26 13.72 3.98 -3.41
CA ARG A 26 14.03 5.12 -2.58
C ARG A 26 12.96 6.15 -2.83
N ASP A 27 12.38 6.68 -1.75
CA ASP A 27 11.41 7.75 -1.86
C ASP A 27 12.13 9.07 -1.58
N LEU A 28 11.96 10.06 -2.47
CA LEU A 28 12.58 11.38 -2.29
C LEU A 28 11.59 12.49 -2.66
N ASN A 29 11.57 13.57 -1.87
CA ASN A 29 10.72 14.72 -2.16
C ASN A 29 11.55 15.93 -2.61
N CYS A 30 12.87 15.71 -2.78
CA CYS A 30 13.82 16.73 -3.23
C CYS A 30 14.75 16.13 -4.27
N VAL A 31 14.67 16.63 -5.51
CA VAL A 31 15.46 16.13 -6.64
C VAL A 31 16.01 17.34 -7.41
N PRO A 32 17.18 17.90 -6.98
CA PRO A 32 17.72 19.09 -7.66
C PRO A 32 18.09 18.81 -9.13
N GLU A 33 18.81 17.72 -9.38
CA GLU A 33 19.22 17.24 -10.71
C GLU A 33 18.79 15.78 -10.81
N ILE A 34 17.94 15.45 -11.80
CA ILE A 34 17.39 14.10 -11.96
C ILE A 34 18.48 13.03 -12.27
N ALA A 35 19.44 13.32 -13.16
CA ALA A 35 20.49 12.34 -13.52
C ALA A 35 21.47 12.07 -12.37
N ASP A 36 21.87 13.11 -11.62
CA ASP A 36 22.76 13.01 -10.46
C ASP A 36 22.12 12.19 -9.34
N THR A 37 20.84 12.48 -9.04
CA THR A 37 20.05 11.82 -8.00
C THR A 37 19.83 10.34 -8.31
N LEU A 38 19.42 10.03 -9.55
CA LEU A 38 19.19 8.64 -9.98
C LEU A 38 20.48 7.82 -9.87
N GLY A 39 21.59 8.41 -10.32
CA GLY A 39 22.92 7.81 -10.24
C GLY A 39 23.32 7.53 -8.80
N ALA A 40 23.03 8.49 -7.89
CA ALA A 40 23.31 8.39 -6.46
C ALA A 40 22.49 7.26 -5.79
N VAL A 41 21.17 7.15 -6.13
CA VAL A 41 20.31 6.11 -5.55
C VAL A 41 20.67 4.72 -6.11
N ALA A 42 21.03 4.63 -7.41
CA ALA A 42 21.43 3.37 -8.05
C ALA A 42 22.72 2.85 -7.43
N LYS A 43 23.68 3.77 -7.12
CA LYS A 43 24.96 3.46 -6.46
C LYS A 43 24.70 2.84 -5.07
N GLN A 44 23.66 3.34 -4.36
CA GLN A 44 23.24 2.85 -3.04
C GLN A 44 22.59 1.45 -3.09
N GLY A 45 22.21 1.01 -4.27
CA GLY A 45 21.63 -0.32 -4.49
C GLY A 45 20.13 -0.37 -4.72
N PHE A 46 19.47 0.80 -4.86
CA PHE A 46 18.04 0.88 -5.11
C PHE A 46 17.72 0.57 -6.59
N ASP A 47 16.63 -0.17 -6.81
CA ASP A 47 16.15 -0.57 -8.14
C ASP A 47 15.27 0.51 -8.77
N PHE A 48 14.70 1.40 -7.95
CA PHE A 48 13.84 2.50 -8.44
C PHE A 48 13.80 3.68 -7.49
N LEU A 49 13.29 4.78 -7.99
CA LEU A 49 13.19 6.03 -7.28
C LEU A 49 11.76 6.58 -7.38
N CYS A 50 11.15 6.88 -6.22
CA CYS A 50 9.85 7.53 -6.15
C CYS A 50 10.15 9.01 -6.03
N MET A 51 9.70 9.80 -7.00
CA MET A 51 9.99 11.22 -7.01
C MET A 51 8.86 12.06 -7.58
N PRO A 52 8.82 13.38 -7.26
CA PRO A 52 7.80 14.24 -7.86
C PRO A 52 8.09 14.45 -9.36
N VAL A 53 7.04 14.58 -10.18
CA VAL A 53 7.16 14.79 -11.63
C VAL A 53 7.14 16.28 -11.95
N PHE A 54 6.56 17.08 -11.03
CA PHE A 54 6.51 18.53 -11.05
C PHE A 54 7.12 18.92 -9.73
N HIS A 55 7.65 20.16 -9.58
CA HIS A 55 8.22 20.55 -8.29
C HIS A 55 7.12 20.52 -7.21
N PRO A 56 7.35 19.80 -6.09
CA PRO A 56 6.29 19.66 -5.07
C PRO A 56 5.70 20.95 -4.51
N ARG A 57 6.48 22.06 -4.49
CA ARG A 57 6.00 23.36 -4.01
C ARG A 57 5.48 24.26 -5.13
N PHE A 58 5.60 23.81 -6.39
CA PHE A 58 5.20 24.62 -7.54
C PHE A 58 3.69 24.59 -7.82
N LYS A 59 2.89 25.20 -6.92
CA LYS A 59 1.43 25.33 -7.04
C LYS A 59 1.10 26.05 -8.33
N ARG A 60 0.11 25.53 -9.07
CA ARG A 60 -0.32 26.05 -10.38
C ARG A 60 -1.80 26.46 -10.41
N GLU A 61 -2.09 27.56 -11.10
CA GLU A 61 -3.43 28.12 -11.23
C GLU A 61 -3.98 27.76 -12.62
N PHE A 62 -5.26 27.36 -12.68
CA PHE A 62 -5.84 26.92 -13.94
C PHE A 62 -6.97 27.81 -14.43
N ILE A 63 -7.60 28.57 -13.53
CA ILE A 63 -8.77 29.38 -13.90
C ILE A 63 -8.53 30.91 -13.82
N GLN A 64 -8.04 31.47 -12.70
CA GLN A 64 -7.97 32.94 -12.67
C GLN A 64 -6.62 33.53 -13.09
N GLU A 65 -6.71 34.64 -13.84
CA GLU A 65 -5.60 35.45 -14.32
C GLU A 65 -5.15 36.34 -13.15
N PRO A 66 -3.87 36.70 -13.03
CA PRO A 66 -2.76 36.48 -13.96
C PRO A 66 -1.97 35.18 -13.79
N ALA A 67 -2.04 34.53 -12.60
CA ALA A 67 -1.28 33.30 -12.31
C ALA A 67 -1.53 32.13 -13.30
N LYS A 68 -2.73 32.07 -13.92
CA LYS A 68 -3.10 31.07 -14.92
C LYS A 68 -2.16 31.17 -16.14
N ASN A 69 -1.75 32.41 -16.51
CA ASN A 69 -0.89 32.65 -17.66
C ASN A 69 0.62 32.64 -17.33
N ARG A 70 1.00 31.90 -16.26
CA ARG A 70 2.39 31.75 -15.87
C ARG A 70 3.21 31.15 -17.02
N PRO A 71 4.27 31.86 -17.49
CA PRO A 71 5.06 31.31 -18.60
C PRO A 71 5.75 30.02 -18.21
N GLY A 72 5.87 29.12 -19.18
CA GLY A 72 6.48 27.81 -19.00
C GLY A 72 8.00 27.85 -19.01
N PRO A 73 8.68 26.69 -18.89
CA PRO A 73 8.14 25.32 -18.78
C PRO A 73 7.44 25.04 -17.45
N GLN A 74 6.47 24.10 -17.44
CA GLN A 74 5.73 23.77 -16.21
C GLN A 74 6.47 22.75 -15.34
N THR A 75 7.40 22.00 -15.94
CA THR A 75 8.27 21.03 -15.25
C THR A 75 9.52 20.75 -16.10
N ARG A 76 10.37 19.82 -15.66
CA ARG A 76 11.56 19.50 -16.42
C ARG A 76 11.24 18.50 -17.54
N SER A 77 12.10 18.49 -18.57
CA SER A 77 11.95 17.73 -19.79
C SER A 77 12.10 16.23 -19.67
N ASP A 78 11.32 15.52 -20.51
CA ASP A 78 11.32 14.06 -20.72
C ASP A 78 12.67 13.64 -21.31
N LEU A 79 13.39 14.57 -21.98
CA LEU A 79 14.69 14.31 -22.61
C LEU A 79 15.81 14.06 -21.62
N LEU A 80 15.61 14.40 -20.34
CA LEU A 80 16.60 14.23 -19.27
C LEU A 80 16.92 12.79 -18.93
N LEU A 81 16.02 11.86 -19.34
CA LEU A 81 16.20 10.43 -19.15
C LEU A 81 15.79 9.68 -20.40
N SER A 82 16.36 8.48 -20.60
CA SER A 82 16.01 7.61 -21.71
C SER A 82 14.63 6.98 -21.44
N GLY A 83 13.97 6.50 -22.50
CA GLY A 83 12.66 5.86 -22.41
C GLY A 83 12.66 4.70 -21.45
N ARG A 84 13.73 3.88 -21.48
CA ARG A 84 13.94 2.72 -20.62
C ARG A 84 13.94 3.13 -19.13
N ASP A 85 14.62 4.24 -18.79
CA ASP A 85 14.71 4.77 -17.42
C ASP A 85 13.34 5.21 -16.89
N TRP A 86 12.56 5.96 -17.70
CA TRP A 86 11.21 6.41 -17.31
C TRP A 86 10.28 5.21 -17.08
N ASN A 87 10.36 4.19 -17.97
CA ASN A 87 9.53 2.99 -17.89
C ASN A 87 9.87 2.02 -16.76
N THR A 88 11.13 1.99 -16.29
CA THR A 88 11.54 1.02 -15.28
C THR A 88 12.06 1.58 -13.95
N LEU A 89 12.68 2.76 -13.93
CA LEU A 89 13.30 3.27 -12.71
C LEU A 89 12.53 4.37 -11.98
N ILE A 90 11.51 4.97 -12.58
CA ILE A 90 10.84 6.10 -11.95
C ILE A 90 9.37 5.83 -11.56
N VAL A 91 9.08 6.01 -10.27
CA VAL A 91 7.72 5.95 -9.74
C VAL A 91 7.35 7.41 -9.46
N GLY A 92 6.28 7.88 -10.09
CA GLY A 92 5.83 9.25 -9.92
C GLY A 92 5.09 9.47 -8.61
N LYS A 93 5.03 10.71 -8.18
CA LYS A 93 4.33 11.06 -6.95
C LYS A 93 3.46 12.26 -7.18
N LEU A 94 2.21 12.21 -6.71
CA LEU A 94 1.30 13.34 -6.83
C LEU A 94 1.78 14.45 -5.88
N SER A 95 1.73 15.72 -6.35
CA SER A 95 2.15 16.88 -5.55
C SER A 95 1.35 17.01 -4.23
N PRO A 96 2.00 17.39 -3.10
CA PRO A 96 1.26 17.43 -1.81
C PRO A 96 0.18 18.49 -1.71
N TRP A 97 0.25 19.58 -2.50
CA TRP A 97 -0.76 20.64 -2.48
C TRP A 97 -2.06 20.23 -3.21
N ILE A 98 -2.04 19.13 -4.01
CA ILE A 98 -3.22 18.70 -4.74
C ILE A 98 -4.24 18.11 -3.75
N ARG A 99 -5.36 18.81 -3.54
CA ARG A 99 -6.40 18.39 -2.58
C ARG A 99 -7.79 18.42 -3.24
N PRO A 100 -8.14 17.36 -4.02
CA PRO A 100 -9.43 17.36 -4.73
C PRO A 100 -10.65 17.32 -3.82
N ASP A 101 -10.46 16.94 -2.55
CA ASP A 101 -11.55 16.87 -1.58
C ASP A 101 -11.53 18.02 -0.55
N SER A 102 -10.88 19.14 -0.90
CA SER A 102 -10.81 20.37 -0.08
C SER A 102 -12.21 20.94 0.20
N LYS A 103 -12.38 21.72 1.27
CA LYS A 103 -13.67 22.36 1.58
C LYS A 103 -13.86 23.62 0.74
N VAL A 104 -12.77 24.09 0.12
CA VAL A 104 -12.77 25.29 -0.72
C VAL A 104 -12.99 24.88 -2.18
N GLU A 105 -14.06 25.40 -2.82
CA GLU A 105 -14.41 25.12 -4.22
C GLU A 105 -13.25 25.38 -5.19
N LYS A 106 -12.56 26.54 -5.06
CA LYS A 106 -11.43 26.93 -5.91
C LYS A 106 -10.26 25.95 -5.80
N ILE A 107 -10.01 25.43 -4.58
CA ILE A 107 -8.95 24.45 -4.35
C ILE A 107 -9.35 23.10 -4.98
N ARG A 108 -10.64 22.68 -4.86
CA ARG A 108 -11.11 21.43 -5.47
C ARG A 108 -10.95 21.45 -7.00
N ARG A 109 -11.34 22.57 -7.65
CA ARG A 109 -11.26 22.73 -9.11
C ARG A 109 -9.80 22.75 -9.63
N ASN A 110 -8.91 23.56 -9.01
CA ASN A 110 -7.48 23.61 -9.40
C ASN A 110 -6.80 22.26 -9.15
N SER A 111 -7.17 21.59 -8.05
CA SER A 111 -6.59 20.30 -7.69
C SER A 111 -6.98 19.21 -8.65
N GLU A 112 -8.23 19.23 -9.18
CA GLU A 112 -8.71 18.27 -10.17
CA GLU A 112 -8.70 18.25 -10.17
C GLU A 112 -7.90 18.45 -11.46
N ALA A 113 -7.79 19.73 -11.93
CA ALA A 113 -7.05 20.09 -13.13
C ALA A 113 -5.57 19.71 -13.00
N ALA A 114 -4.96 19.98 -11.82
CA ALA A 114 -3.55 19.63 -11.55
C ALA A 114 -3.32 18.14 -11.45
N MET A 115 -4.28 17.42 -10.84
CA MET A 115 -4.16 15.97 -10.68
C MET A 115 -4.21 15.28 -12.06
N LEU A 116 -5.13 15.72 -12.93
CA LEU A 116 -5.24 15.22 -14.30
C LEU A 116 -3.97 15.52 -15.09
N GLN A 117 -3.39 16.70 -14.88
CA GLN A 117 -2.15 17.13 -15.53
C GLN A 117 -0.97 16.25 -15.14
N GLU A 118 -0.80 15.97 -13.83
CA GLU A 118 0.31 15.16 -13.35
C GLU A 118 0.16 13.71 -13.76
N LEU A 119 -1.07 13.19 -13.71
CA LEU A 119 -1.37 11.82 -14.12
C LEU A 119 -1.12 11.66 -15.62
N ASN A 120 -1.54 12.66 -16.42
CA ASN A 120 -1.30 12.55 -17.85
C ASN A 120 0.17 12.73 -18.24
N PHE A 121 0.93 13.52 -17.44
CA PHE A 121 2.37 13.64 -17.66
C PHE A 121 3.06 12.33 -17.35
N GLY A 122 2.61 11.62 -16.32
CA GLY A 122 3.10 10.29 -15.95
C GLY A 122 2.81 9.26 -17.03
N ALA A 123 1.64 9.37 -17.67
CA ALA A 123 1.23 8.49 -18.78
C ALA A 123 2.12 8.81 -20.00
N TYR A 124 2.38 10.12 -20.25
CA TYR A 124 3.23 10.62 -21.32
C TYR A 124 4.64 10.05 -21.21
N LEU A 125 5.18 9.92 -19.99
CA LEU A 125 6.51 9.37 -19.75
C LEU A 125 6.56 7.85 -19.69
N GLY A 126 5.40 7.22 -19.59
CA GLY A 126 5.30 5.76 -19.49
C GLY A 126 5.81 5.21 -18.17
N LEU A 127 5.58 5.95 -17.07
CA LEU A 127 5.99 5.53 -15.71
C LEU A 127 5.33 4.20 -15.33
N PRO A 128 6.06 3.25 -14.71
CA PRO A 128 5.45 1.97 -14.36
C PRO A 128 4.40 2.07 -13.25
N ALA A 129 4.55 3.08 -12.35
CA ALA A 129 3.63 3.31 -11.22
C ALA A 129 3.60 4.77 -10.82
N PHE A 130 2.52 5.17 -10.17
CA PHE A 130 2.28 6.54 -9.70
C PHE A 130 1.66 6.46 -8.31
N LEU A 131 2.31 7.12 -7.33
CA LEU A 131 1.90 7.20 -5.94
C LEU A 131 0.93 8.33 -5.67
N LEU A 132 -0.20 8.01 -5.02
CA LEU A 132 -1.23 8.97 -4.62
C LEU A 132 -1.53 8.71 -3.14
N PRO A 133 -1.75 9.73 -2.30
CA PRO A 133 -2.01 9.45 -0.89
C PRO A 133 -3.47 9.31 -0.50
N LEU A 134 -3.72 8.48 0.51
CA LEU A 134 -4.99 8.38 1.22
C LEU A 134 -4.61 8.81 2.63
N ASN A 135 -4.80 10.09 2.93
CA ASN A 135 -4.38 10.66 4.23
C ASN A 135 -5.53 11.24 5.02
N GLN A 136 -6.77 11.00 4.57
CA GLN A 136 -7.98 11.47 5.24
C GLN A 136 -9.13 10.53 4.93
N GLU A 137 -10.24 10.67 5.64
CA GLU A 137 -11.41 9.81 5.46
C GLU A 137 -12.14 10.04 4.14
N ASP A 138 -12.33 11.30 3.73
CA ASP A 138 -13.06 11.62 2.50
C ASP A 138 -12.12 11.83 1.29
N ASN A 139 -12.10 10.84 0.38
CA ASN A 139 -11.32 10.86 -0.84
C ASN A 139 -12.23 10.62 -2.06
N THR A 140 -13.53 10.99 -1.95
CA THR A 140 -14.53 10.78 -3.00
C THR A 140 -14.15 11.45 -4.31
N ASN A 141 -13.85 12.76 -4.29
CA ASN A 141 -13.49 13.48 -5.50
C ASN A 141 -12.14 12.99 -6.07
N LEU A 142 -11.19 12.57 -5.21
CA LEU A 142 -9.92 12.00 -5.65
C LEU A 142 -10.18 10.67 -6.43
N ALA A 143 -11.11 9.82 -5.91
CA ALA A 143 -11.50 8.56 -6.53
C ALA A 143 -12.17 8.84 -7.87
N ARG A 144 -13.01 9.88 -7.93
CA ARG A 144 -13.71 10.25 -9.14
C ARG A 144 -12.77 10.71 -10.25
N VAL A 145 -11.79 11.55 -9.90
CA VAL A 145 -10.79 12.05 -10.85
C VAL A 145 -9.88 10.90 -11.33
N LEU A 146 -9.46 10.02 -10.41
CA LEU A 146 -8.62 8.88 -10.82
C LEU A 146 -9.39 7.92 -11.73
N THR A 147 -10.68 7.66 -11.43
CA THR A 147 -11.55 6.79 -12.24
C THR A 147 -11.72 7.37 -13.63
N ASN A 148 -11.87 8.70 -13.71
CA ASN A 148 -12.01 9.40 -14.99
C ASN A 148 -10.75 9.24 -15.84
N HIS A 149 -9.56 9.38 -15.22
CA HIS A 149 -8.27 9.19 -15.87
C HIS A 149 -8.06 7.74 -16.37
N ILE A 150 -8.47 6.74 -15.57
CA ILE A 150 -8.36 5.32 -15.92
C ILE A 150 -9.21 5.00 -17.18
N HIS A 151 -10.36 5.68 -17.32
CA HIS A 151 -11.27 5.48 -18.43
C HIS A 151 -11.10 6.49 -19.58
N THR A 152 -9.93 7.14 -19.66
CA THR A 152 -9.63 8.12 -20.71
C THR A 152 -8.29 7.78 -21.36
N GLY A 153 -8.29 7.72 -22.68
CA GLY A 153 -7.09 7.42 -23.45
C GLY A 153 -6.61 5.99 -23.31
N HIS A 154 -5.37 5.74 -23.76
CA HIS A 154 -4.80 4.40 -23.73
C HIS A 154 -3.44 4.37 -23.04
N HIS A 155 -3.43 3.87 -21.79
CA HIS A 155 -2.27 3.72 -20.90
C HIS A 155 -2.54 2.58 -19.91
N SER A 156 -1.47 1.98 -19.34
CA SER A 156 -1.60 0.84 -18.42
C SER A 156 -0.68 0.96 -17.17
N SER A 157 -0.56 2.18 -16.62
CA SER A 157 0.23 2.45 -15.43
C SER A 157 -0.50 2.02 -14.14
N MET A 158 0.26 1.64 -13.13
CA MET A 158 -0.28 1.23 -11.84
C MET A 158 -0.41 2.42 -10.92
N PHE A 159 -1.48 2.44 -10.14
CA PHE A 159 -1.71 3.48 -9.13
C PHE A 159 -1.53 2.88 -7.75
N TRP A 160 -0.51 3.38 -7.02
CA TRP A 160 -0.18 2.91 -5.68
C TRP A 160 -0.74 3.91 -4.67
N MET A 161 -1.76 3.50 -3.91
CA MET A 161 -2.37 4.35 -2.89
C MET A 161 -1.56 4.25 -1.59
N ARG A 162 -0.88 5.35 -1.23
CA ARG A 162 -0.07 5.49 -0.03
C ARG A 162 -1.01 5.61 1.16
N VAL A 163 -1.04 4.56 1.97
CA VAL A 163 -1.94 4.51 3.12
C VAL A 163 -1.19 3.97 4.36
N PRO A 164 -1.30 4.65 5.51
CA PRO A 164 -0.56 4.17 6.69
C PRO A 164 -1.33 3.11 7.48
N LEU A 165 -0.62 2.20 8.19
CA LEU A 165 -1.27 1.22 9.09
C LEU A 165 -2.00 2.00 10.20
N VAL A 166 -1.38 3.10 10.68
CA VAL A 166 -1.92 3.98 11.74
C VAL A 166 -1.97 5.41 11.21
N ALA A 167 -3.13 6.06 11.33
CA ALA A 167 -3.37 7.44 10.89
C ALA A 167 -2.50 8.40 11.72
N PRO A 168 -1.87 9.42 11.09
CA PRO A 168 -1.05 10.37 11.86
C PRO A 168 -1.77 10.96 13.08
N GLU A 169 -3.09 11.25 12.96
CA GLU A 169 -3.93 11.74 14.06
C GLU A 169 -3.95 10.75 15.26
N ASP A 170 -3.77 9.44 14.99
CA ASP A 170 -3.76 8.41 16.04
C ASP A 170 -2.37 8.07 16.57
N LEU A 171 -1.30 8.59 15.93
CA LEU A 171 0.05 8.34 16.43
C LEU A 171 0.74 9.66 16.91
N ARG A 172 -0.02 10.79 16.96
CA ARG A 172 0.52 12.06 17.45
C ARG A 172 0.94 11.96 18.93
N ASP A 173 2.02 12.67 19.31
CA ASP A 173 2.52 12.71 20.69
C ASP A 173 1.43 13.35 21.55
N ASP A 174 1.24 12.85 22.77
CA ASP A 174 0.23 13.39 23.69
C ASP A 174 0.82 14.67 24.36
N ILE A 175 0.91 15.77 23.55
CA ILE A 175 1.51 17.05 23.98
C ILE A 175 0.54 18.25 23.81
N ILE A 176 -0.74 17.99 23.52
CA ILE A 176 -1.75 19.06 23.44
C ILE A 176 -2.59 18.97 24.74
N GLU A 177 -2.26 19.85 25.70
CA GLU A 177 -2.86 20.01 27.03
C GLU A 177 -4.41 19.93 27.03
N ASN A 178 -5.09 20.67 26.12
CA ASN A 178 -6.56 20.71 26.00
C ASN A 178 -7.13 19.77 24.92
N ALA A 179 -6.31 18.84 24.40
CA ALA A 179 -6.77 17.85 23.40
C ALA A 179 -6.00 16.55 23.65
N PRO A 180 -6.36 15.81 24.74
CA PRO A 180 -5.62 14.57 25.04
C PRO A 180 -5.91 13.44 24.07
N THR A 181 -4.93 12.54 23.92
CA THR A 181 -5.05 11.37 23.07
C THR A 181 -5.92 10.35 23.82
N THR A 182 -6.79 9.63 23.10
CA THR A 182 -7.68 8.63 23.70
C THR A 182 -6.88 7.44 24.23
N HIS A 183 -7.07 7.13 25.54
CA HIS A 183 -6.38 6.02 26.20
C HIS A 183 -7.22 4.73 26.19
N THR A 184 -8.55 4.88 25.98
CA THR A 184 -9.49 3.77 25.88
C THR A 184 -9.37 3.12 24.48
N GLU A 185 -9.46 1.77 24.42
CA GLU A 185 -9.36 1.05 23.14
C GLU A 185 -10.56 1.28 22.23
N GLU A 186 -10.28 1.46 20.93
CA GLU A 186 -11.29 1.68 19.89
C GLU A 186 -11.05 0.66 18.78
N TYR A 187 -11.57 -0.58 18.97
CA TYR A 187 -11.40 -1.71 18.05
C TYR A 187 -11.55 -1.34 16.55
N SER A 188 -12.74 -0.85 16.14
CA SER A 188 -13.03 -0.47 14.76
C SER A 188 -12.36 0.86 14.36
N GLY A 189 -12.25 1.77 15.32
CA GLY A 189 -11.60 3.07 15.17
C GLY A 189 -10.13 2.94 14.80
N GLU A 190 -9.45 1.92 15.36
CA GLU A 190 -8.03 1.63 15.08
C GLU A 190 -7.82 1.03 13.68
N GLU A 191 -8.89 0.55 13.03
CA GLU A 191 -8.82 0.01 11.66
C GLU A 191 -9.33 1.03 10.66
N LYS A 192 -9.45 2.31 11.06
CA LYS A 192 -9.97 3.37 10.20
C LYS A 192 -9.23 3.54 8.86
N THR A 193 -7.89 3.32 8.79
CA THR A 193 -7.18 3.50 7.51
C THR A 193 -7.50 2.38 6.51
N TRP A 194 -7.89 1.19 7.00
CA TRP A 194 -8.34 0.14 6.10
C TRP A 194 -9.65 0.60 5.42
N MET A 195 -10.57 1.23 6.18
N MET A 195 -10.57 1.23 6.18
CA MET A 195 -11.84 1.76 5.65
CA MET A 195 -11.85 1.80 5.72
C MET A 195 -11.60 2.86 4.59
C MET A 195 -11.60 2.86 4.62
N TRP A 196 -10.55 3.69 4.78
CA TRP A 196 -10.17 4.73 3.80
C TRP A 196 -9.83 4.03 2.48
N TRP A 197 -9.00 2.96 2.57
CA TRP A 197 -8.66 2.17 1.40
C TRP A 197 -9.90 1.48 0.79
N HIS A 198 -10.65 0.73 1.60
CA HIS A 198 -11.85 0.00 1.17
C HIS A 198 -12.86 0.90 0.46
N ASN A 199 -13.11 2.11 1.00
CA ASN A 199 -14.05 3.05 0.39
C ASN A 199 -13.57 3.56 -0.92
N PHE A 200 -12.27 3.91 -1.03
CA PHE A 200 -11.66 4.43 -2.24
C PHE A 200 -11.71 3.38 -3.37
N ARG A 201 -11.31 2.14 -3.06
CA ARG A 201 -11.30 1.09 -4.07
C ARG A 201 -12.74 0.66 -4.48
N THR A 202 -13.73 0.81 -3.55
CA THR A 202 -15.14 0.55 -3.83
C THR A 202 -15.66 1.58 -4.85
N LEU A 203 -15.38 2.87 -4.62
CA LEU A 203 -15.75 3.97 -5.52
C LEU A 203 -15.15 3.80 -6.92
N CYS A 204 -13.89 3.35 -6.95
CA CYS A 204 -13.11 3.09 -8.17
C CYS A 204 -13.46 1.74 -8.79
N ASP A 205 -14.44 1.03 -8.20
CA ASP A 205 -15.01 -0.24 -8.67
C ASP A 205 -13.98 -1.36 -8.91
N TYR A 206 -13.12 -1.58 -7.89
CA TYR A 206 -12.09 -2.64 -7.89
C TYR A 206 -11.21 -2.66 -9.16
N SER A 207 -10.74 -1.49 -9.60
CA SER A 207 -9.85 -1.43 -10.76
C SER A 207 -8.58 -2.25 -10.48
N LYS A 208 -8.18 -3.14 -11.40
CA LYS A 208 -6.97 -3.95 -11.26
C LYS A 208 -5.71 -3.05 -11.27
N ARG A 209 -5.84 -1.82 -11.75
CA ARG A 209 -4.74 -0.85 -11.82
C ARG A 209 -4.50 -0.10 -10.49
N ILE A 210 -5.36 -0.30 -9.47
CA ILE A 210 -5.21 0.40 -8.18
C ILE A 210 -4.79 -0.56 -7.07
N ALA A 211 -3.62 -0.31 -6.49
CA ALA A 211 -3.05 -1.15 -5.44
C ALA A 211 -2.68 -0.34 -4.19
N VAL A 212 -2.16 -1.01 -3.16
CA VAL A 212 -1.78 -0.39 -1.87
C VAL A 212 -0.26 -0.26 -1.74
N ALA A 213 0.18 0.89 -1.22
CA ALA A 213 1.54 1.21 -0.80
C ALA A 213 1.39 1.43 0.73
N LEU A 214 1.55 0.36 1.48
CA LEU A 214 1.35 0.37 2.94
C LEU A 214 2.52 1.00 3.69
N GLU A 215 2.25 2.12 4.37
CA GLU A 215 3.28 2.84 5.12
C GLU A 215 3.34 2.36 6.57
N ILE A 216 4.49 1.81 6.98
CA ILE A 216 4.74 1.28 8.32
C ILE A 216 5.28 2.42 9.20
N GLY A 217 4.90 2.42 10.47
CA GLY A 217 5.30 3.43 11.45
C GLY A 217 6.10 2.81 12.58
N ALA A 218 6.65 3.66 13.47
CA ALA A 218 7.50 3.25 14.60
C ALA A 218 6.79 2.32 15.56
N ASP A 219 5.51 2.60 15.84
CA ASP A 219 4.73 1.77 16.72
C ASP A 219 3.69 1.01 15.91
N LEU A 220 3.85 -0.31 15.86
CA LEU A 220 2.93 -1.18 15.12
C LEU A 220 1.61 -1.24 15.85
N PRO A 221 0.46 -1.23 15.13
CA PRO A 221 -0.84 -1.31 15.83
C PRO A 221 -1.08 -2.74 16.32
N SER A 222 -2.25 -3.00 16.95
CA SER A 222 -2.59 -4.35 17.40
C SER A 222 -2.71 -5.29 16.18
N ASN A 223 -2.60 -6.61 16.39
CA ASN A 223 -2.63 -7.60 15.30
C ASN A 223 -3.84 -7.48 14.40
N HIS A 224 -5.04 -7.22 14.96
CA HIS A 224 -6.28 -7.10 14.18
C HIS A 224 -6.21 -5.99 13.12
N VAL A 225 -5.54 -4.86 13.46
CA VAL A 225 -5.34 -3.73 12.55
C VAL A 225 -4.45 -4.16 11.39
N ILE A 226 -3.36 -4.91 11.68
CA ILE A 226 -2.45 -5.45 10.65
C ILE A 226 -3.21 -6.45 9.77
N ASP A 227 -3.91 -7.40 10.39
CA ASP A 227 -4.67 -8.47 9.70
C ASP A 227 -5.78 -7.99 8.74
N ARG A 228 -6.27 -6.72 8.90
CA ARG A 228 -7.27 -6.13 7.99
C ARG A 228 -6.73 -6.04 6.56
N TRP A 229 -5.40 -5.98 6.42
CA TRP A 229 -4.66 -5.82 5.17
C TRP A 229 -4.40 -7.11 4.43
N LEU A 230 -4.82 -8.23 5.06
CA LEU A 230 -4.69 -9.57 4.50
C LEU A 230 -5.71 -9.71 3.40
N GLY A 231 -5.26 -10.21 2.27
CA GLY A 231 -6.09 -10.35 1.09
C GLY A 231 -6.17 -9.07 0.29
N GLU A 232 -5.47 -8.00 0.75
CA GLU A 232 -5.47 -6.73 0.00
C GLU A 232 -4.36 -6.69 -1.04
N PRO A 233 -4.55 -5.97 -2.19
CA PRO A 233 -3.48 -5.93 -3.21
C PRO A 233 -2.31 -5.02 -2.81
N ILE A 234 -1.45 -5.48 -1.89
CA ILE A 234 -0.29 -4.70 -1.44
C ILE A 234 0.86 -4.88 -2.43
N LYS A 235 1.20 -3.80 -3.14
CA LYS A 235 2.32 -3.85 -4.10
C LYS A 235 3.60 -3.30 -3.50
N ALA A 236 3.46 -2.36 -2.56
CA ALA A 236 4.61 -1.74 -1.92
C ALA A 236 4.44 -1.59 -0.43
N ALA A 237 5.56 -1.63 0.30
CA ALA A 237 5.62 -1.38 1.73
C ALA A 237 6.61 -0.22 1.94
N ILE A 238 6.17 0.86 2.58
CA ILE A 238 6.94 2.08 2.82
C ILE A 238 7.53 2.07 4.22
N LEU A 239 8.87 2.03 4.29
CA LEU A 239 9.66 1.98 5.52
C LEU A 239 10.40 3.29 5.77
N PRO A 240 9.87 4.15 6.66
CA PRO A 240 10.60 5.39 7.00
C PRO A 240 11.83 5.04 7.83
N THR A 241 12.94 5.73 7.54
CA THR A 241 14.22 5.55 8.24
C THR A 241 14.08 5.71 9.77
N SER A 242 13.12 6.56 10.20
CA SER A 242 12.81 6.86 11.62
C SER A 242 12.28 5.67 12.43
N ILE A 243 11.82 4.58 11.77
CA ILE A 243 11.28 3.40 12.46
C ILE A 243 12.41 2.42 12.83
N PHE A 244 13.60 2.64 12.28
CA PHE A 244 14.75 1.80 12.54
C PHE A 244 15.42 2.13 13.87
N LEU A 245 15.66 1.11 14.68
CA LEU A 245 16.38 1.22 15.95
C LEU A 245 17.88 1.16 15.62
N THR A 246 18.73 1.37 16.62
CA THR A 246 20.18 1.34 16.44
C THR A 246 20.79 0.22 17.32
N ASN A 247 21.76 -0.50 16.76
CA ASN A 247 22.45 -1.55 17.52
C ASN A 247 23.76 -1.01 18.12
N LYS A 248 24.50 -1.87 18.87
CA LYS A 248 25.78 -1.52 19.51
C LYS A 248 26.84 -0.97 18.53
N LYS A 249 26.80 -1.44 17.27
CA LYS A 249 27.73 -1.03 16.21
C LYS A 249 27.28 0.23 15.46
N GLY A 250 26.07 0.72 15.75
CA GLY A 250 25.52 1.93 15.15
C GLY A 250 24.74 1.75 13.85
N PHE A 251 24.52 0.49 13.45
CA PHE A 251 23.81 0.12 12.21
C PHE A 251 22.27 0.14 12.42
N PRO A 252 21.46 0.51 11.40
CA PRO A 252 20.00 0.50 11.59
C PRO A 252 19.43 -0.91 11.62
N VAL A 253 18.55 -1.18 12.60
CA VAL A 253 17.89 -2.48 12.78
C VAL A 253 16.39 -2.28 13.03
N LEU A 254 15.63 -3.36 13.09
CA LEU A 254 14.21 -3.26 13.37
C LEU A 254 13.91 -4.09 14.59
N SER A 255 12.86 -3.72 15.35
CA SER A 255 12.41 -4.50 16.51
C SER A 255 11.89 -5.88 16.03
N LYS A 256 11.79 -6.87 16.94
CA LYS A 256 11.28 -8.20 16.60
C LYS A 256 9.89 -8.16 15.95
N MET A 257 9.02 -7.26 16.42
CA MET A 257 7.67 -7.10 15.88
C MET A 257 7.68 -6.57 14.44
N HIS A 258 8.61 -5.66 14.13
CA HIS A 258 8.78 -5.08 12.79
C HIS A 258 9.32 -6.11 11.82
N GLN A 259 10.27 -6.93 12.28
CA GLN A 259 10.87 -8.01 11.51
C GLN A 259 9.81 -9.04 11.13
N ARG A 260 8.88 -9.34 12.07
CA ARG A 260 7.76 -10.27 11.85
C ARG A 260 6.89 -9.80 10.70
N LEU A 261 6.57 -8.50 10.65
CA LEU A 261 5.79 -7.90 9.58
C LEU A 261 6.56 -7.94 8.25
N ILE A 262 7.89 -7.70 8.26
CA ILE A 262 8.74 -7.76 7.06
C ILE A 262 8.64 -9.15 6.42
N PHE A 263 8.79 -10.22 7.22
CA PHE A 263 8.68 -11.60 6.75
C PHE A 263 7.30 -11.90 6.16
N ARG A 264 6.23 -11.31 6.73
CA ARG A 264 4.87 -11.45 6.20
C ARG A 264 4.77 -10.78 4.82
N LEU A 265 5.33 -9.56 4.69
CA LEU A 265 5.33 -8.80 3.44
C LEU A 265 6.25 -9.39 2.36
N LEU A 266 7.33 -10.09 2.78
CA LEU A 266 8.26 -10.76 1.88
C LEU A 266 7.61 -11.94 1.19
N LYS A 267 6.63 -12.60 1.86
CA LYS A 267 5.85 -13.72 1.28
C LYS A 267 4.91 -13.19 0.19
N LEU A 268 4.47 -11.93 0.31
CA LEU A 268 3.62 -11.23 -0.64
C LEU A 268 4.44 -10.60 -1.78
N GLU A 269 5.78 -10.74 -1.73
CA GLU A 269 6.73 -10.23 -2.73
C GLU A 269 6.50 -8.73 -3.05
N VAL A 270 6.27 -7.94 -2.00
CA VAL A 270 6.07 -6.50 -2.13
C VAL A 270 7.39 -5.82 -2.46
N GLN A 271 7.32 -4.62 -3.01
CA GLN A 271 8.50 -3.81 -3.26
C GLN A 271 8.66 -2.92 -2.03
N PHE A 272 9.87 -2.89 -1.47
CA PHE A 272 10.12 -2.10 -0.27
C PHE A 272 10.59 -0.75 -0.66
N ILE A 273 10.03 0.29 -0.04
CA ILE A 273 10.38 1.68 -0.31
C ILE A 273 10.94 2.31 0.96
N ILE A 274 12.12 2.94 0.87
CA ILE A 274 12.77 3.62 2.00
C ILE A 274 12.53 5.12 1.85
N THR A 275 11.84 5.73 2.83
CA THR A 275 11.52 7.17 2.86
C THR A 275 12.23 7.86 4.04
N GLY A 276 12.39 9.18 3.95
CA GLY A 276 13.03 10.01 4.98
C GLY A 276 14.54 10.15 4.85
N THR A 277 15.15 11.04 5.67
CA THR A 277 16.62 11.25 5.63
C THR A 277 17.36 10.22 6.47
N ASN A 278 18.71 10.23 6.40
CA ASN A 278 19.53 9.31 7.19
C ASN A 278 19.52 9.76 8.67
N HIS A 279 19.12 8.84 9.57
CA HIS A 279 19.08 9.09 11.01
C HIS A 279 20.22 8.38 11.74
N HIS A 280 21.11 7.75 10.95
CA HIS A 280 22.31 7.05 11.37
C HIS A 280 23.46 7.65 10.54
N SER A 281 23.68 8.99 10.72
CA SER A 281 24.66 9.84 10.03
C SER A 281 26.10 9.32 10.02
N GLU A 282 26.52 8.60 11.09
CA GLU A 282 27.85 8.00 11.21
C GLU A 282 28.03 6.87 10.18
N LYS A 283 26.92 6.20 9.81
CA LYS A 283 26.88 5.10 8.85
C LYS A 283 26.41 5.58 7.47
N GLU A 284 26.76 4.82 6.41
CA GLU A 284 26.36 5.13 5.04
C GLU A 284 24.85 4.84 4.83
N PHE A 285 24.20 5.48 3.84
CA PHE A 285 22.76 5.33 3.63
C PHE A 285 22.31 3.91 3.24
N CYS A 286 23.10 3.19 2.40
CA CYS A 286 22.77 1.84 1.93
C CYS A 286 22.63 0.79 3.07
N SER A 287 22.96 1.18 4.32
CA SER A 287 22.87 0.32 5.51
C SER A 287 21.42 -0.09 5.84
N TYR A 288 20.42 0.81 5.58
CA TYR A 288 18.99 0.53 5.76
C TYR A 288 18.57 -0.56 4.78
N LEU A 289 19.13 -0.51 3.56
CA LEU A 289 18.88 -1.47 2.49
C LEU A 289 19.58 -2.80 2.77
N GLN A 290 20.83 -2.76 3.29
CA GLN A 290 21.63 -3.94 3.66
C GLN A 290 20.93 -4.75 4.73
N TYR A 291 20.22 -4.07 5.65
CA TYR A 291 19.47 -4.74 6.72
C TYR A 291 18.26 -5.50 6.17
N LEU A 292 17.58 -4.92 5.15
CA LEU A 292 16.43 -5.52 4.47
C LEU A 292 16.84 -6.79 3.71
N GLU A 293 17.99 -6.76 3.00
CA GLU A 293 18.49 -7.94 2.27
C GLU A 293 19.01 -9.01 3.23
N TYR A 294 19.52 -8.59 4.42
CA TYR A 294 19.96 -9.49 5.49
C TYR A 294 18.75 -10.28 5.98
N LEU A 295 17.61 -9.59 6.24
CA LEU A 295 16.36 -10.21 6.66
C LEU A 295 15.85 -11.19 5.60
N SER A 296 15.89 -10.76 4.31
CA SER A 296 15.48 -11.55 3.15
C SER A 296 16.33 -12.82 2.99
N GLN A 297 17.65 -12.73 3.22
CA GLN A 297 18.56 -13.88 3.10
C GLN A 297 18.37 -14.87 4.26
N ASN A 298 17.96 -14.36 5.44
CA ASN A 298 17.76 -15.16 6.65
C ASN A 298 16.31 -15.65 6.88
N ARG A 299 15.44 -15.53 5.85
CA ARG A 299 14.05 -16.00 5.94
C ARG A 299 14.00 -17.54 5.76
N PRO A 300 12.92 -18.24 6.22
CA PRO A 300 12.88 -19.71 6.06
C PRO A 300 12.99 -20.20 4.61
N PRO A 301 13.80 -21.24 4.32
CA PRO A 301 13.93 -21.71 2.93
C PRO A 301 12.66 -22.42 2.42
N PRO A 302 12.42 -22.50 1.08
CA PRO A 302 11.20 -23.17 0.60
C PRO A 302 11.18 -24.68 0.86
N ASN A 303 10.07 -25.18 1.44
CA ASN A 303 9.87 -26.61 1.70
C ASN A 303 9.52 -27.36 0.40
N ALA A 304 9.36 -28.69 0.48
CA ALA A 304 9.04 -29.56 -0.66
C ALA A 304 7.77 -29.13 -1.43
N TYR A 305 6.70 -28.72 -0.70
CA TYR A 305 5.44 -28.26 -1.28
C TYR A 305 5.66 -26.96 -2.06
N GLU A 306 6.30 -25.96 -1.42
CA GLU A 306 6.63 -24.65 -1.97
C GLU A 306 7.56 -24.71 -3.18
N LEU A 307 8.37 -25.77 -3.30
CA LEU A 307 9.27 -25.98 -4.45
C LEU A 307 8.47 -26.21 -5.73
N PHE A 308 7.34 -26.96 -5.63
CA PHE A 308 6.47 -27.25 -6.77
C PHE A 308 5.37 -26.19 -6.95
N ALA A 309 4.80 -25.68 -5.85
CA ALA A 309 3.72 -24.69 -5.87
C ALA A 309 4.16 -23.26 -6.27
N LYS A 310 5.49 -23.02 -6.36
CA LYS A 310 6.04 -21.70 -6.71
C LYS A 310 5.61 -21.30 -8.11
N GLY A 311 5.04 -20.10 -8.23
CA GLY A 311 4.54 -19.56 -9.49
C GLY A 311 3.04 -19.74 -9.69
N TYR A 312 2.40 -20.61 -8.87
CA TYR A 312 0.97 -20.90 -8.94
C TYR A 312 0.13 -20.06 -7.95
N GLU A 313 0.78 -19.18 -7.15
CA GLU A 313 0.10 -18.36 -6.14
C GLU A 313 -1.02 -17.55 -6.75
N ASP A 314 -2.25 -17.73 -6.21
CA ASP A 314 -3.48 -17.04 -6.62
C ASP A 314 -3.79 -17.11 -8.13
N TYR A 315 -3.24 -18.13 -8.81
CA TYR A 315 -3.49 -18.32 -10.22
C TYR A 315 -4.74 -19.22 -10.33
N LEU A 316 -5.81 -18.69 -10.95
CA LEU A 316 -7.07 -19.41 -11.08
C LEU A 316 -7.01 -20.44 -12.18
N GLN A 317 -7.40 -21.69 -11.87
CA GLN A 317 -7.42 -22.77 -12.84
C GLN A 317 -8.82 -23.34 -12.88
N SER A 318 -9.35 -23.59 -14.09
CA SER A 318 -10.68 -24.17 -14.24
C SER A 318 -10.57 -25.65 -13.85
N PRO A 319 -11.45 -26.21 -12.97
CA PRO A 319 -11.30 -27.63 -12.61
C PRO A 319 -11.54 -28.50 -13.85
N LEU A 320 -10.80 -29.60 -13.92
CA LEU A 320 -10.90 -30.52 -15.06
C LEU A 320 -12.25 -31.24 -15.15
N GLN A 321 -12.63 -31.69 -16.36
CA GLN A 321 -13.81 -32.51 -16.61
C GLN A 321 -13.24 -33.92 -16.53
N PRO A 322 -13.40 -34.61 -15.38
CA PRO A 322 -12.73 -35.91 -15.22
C PRO A 322 -13.17 -37.01 -16.16
N LEU A 323 -14.43 -36.95 -16.63
CA LEU A 323 -14.98 -37.99 -17.47
C LEU A 323 -15.08 -37.61 -18.94
N MET A 324 -15.42 -36.37 -19.24
CA MET A 324 -15.57 -35.89 -20.61
C MET A 324 -14.24 -35.61 -21.33
N ASP A 325 -13.18 -35.28 -20.59
CA ASP A 325 -11.87 -34.99 -21.15
C ASP A 325 -10.85 -36.02 -20.69
N ASN A 326 -9.74 -36.15 -21.44
CA ASN A 326 -8.65 -37.04 -21.10
C ASN A 326 -7.42 -36.23 -20.73
N LEU A 327 -6.77 -36.63 -19.64
CA LEU A 327 -5.57 -35.97 -19.13
C LEU A 327 -4.37 -36.07 -20.07
N GLU A 328 -3.57 -35.01 -20.15
CA GLU A 328 -2.35 -34.96 -20.96
C GLU A 328 -1.23 -35.76 -20.31
N SER A 329 -0.23 -36.18 -21.10
CA SER A 329 0.91 -36.95 -20.64
C SER A 329 1.69 -36.23 -19.54
N GLN A 330 1.99 -34.93 -19.76
CA GLN A 330 2.73 -34.12 -18.78
C GLN A 330 1.95 -33.84 -17.49
N THR A 331 0.60 -33.92 -17.50
CA THR A 331 -0.19 -33.76 -16.28
C THR A 331 0.07 -34.99 -15.39
N TYR A 332 0.01 -36.21 -15.98
CA TYR A 332 0.30 -37.46 -15.26
C TYR A 332 1.73 -37.41 -14.75
N GLU A 333 2.67 -36.93 -15.60
CA GLU A 333 4.09 -36.82 -15.28
C GLU A 333 4.38 -36.02 -14.00
N VAL A 334 3.84 -34.79 -13.88
CA VAL A 334 4.11 -33.95 -12.70
C VAL A 334 3.53 -34.54 -11.42
N PHE A 335 2.30 -35.09 -11.47
CA PHE A 335 1.67 -35.63 -10.29
C PHE A 335 2.33 -36.93 -9.82
N GLU A 336 3.04 -37.64 -10.70
CA GLU A 336 3.77 -38.88 -10.37
C GLU A 336 4.97 -38.58 -9.46
N LYS A 337 5.39 -37.30 -9.43
CA LYS A 337 6.48 -36.80 -8.59
C LYS A 337 6.05 -36.45 -7.17
N ASP A 338 4.76 -36.72 -6.79
CA ASP A 338 4.29 -36.45 -5.42
C ASP A 338 5.11 -37.27 -4.39
N PRO A 339 5.75 -36.60 -3.40
CA PRO A 339 6.64 -37.33 -2.48
C PRO A 339 5.97 -38.17 -1.40
N ILE A 340 4.65 -38.02 -1.19
CA ILE A 340 3.96 -38.73 -0.11
C ILE A 340 2.68 -39.48 -0.55
N LYS A 341 1.98 -39.00 -1.59
CA LYS A 341 0.72 -39.64 -2.02
C LYS A 341 0.86 -41.14 -2.27
N TYR A 342 1.89 -41.56 -3.04
CA TYR A 342 2.09 -42.95 -3.40
C TYR A 342 2.62 -43.81 -2.25
N SER A 343 3.52 -43.25 -1.40
CA SER A 343 4.03 -44.01 -0.23
C SER A 343 2.90 -44.24 0.78
N GLN A 344 1.94 -43.29 0.88
CA GLN A 344 0.76 -43.46 1.71
C GLN A 344 -0.15 -44.56 1.13
N TYR A 345 -0.39 -44.54 -0.21
CA TYR A 345 -1.18 -45.58 -0.86
C TYR A 345 -0.56 -46.98 -0.68
N GLN A 346 0.79 -47.08 -0.83
CA GLN A 346 1.55 -48.32 -0.65
C GLN A 346 1.34 -48.85 0.77
N GLN A 347 1.52 -47.97 1.78
CA GLN A 347 1.36 -48.28 3.21
C GLN A 347 -0.06 -48.79 3.51
N ALA A 348 -1.10 -48.20 2.88
CA ALA A 348 -2.51 -48.59 3.03
C ALA A 348 -2.76 -49.99 2.47
N ILE A 349 -2.20 -50.31 1.28
CA ILE A 349 -2.35 -51.61 0.62
C ILE A 349 -1.60 -52.69 1.45
N TYR A 350 -0.38 -52.34 1.93
CA TYR A 350 0.47 -53.17 2.78
C TYR A 350 -0.28 -53.61 4.05
N LYS A 351 -0.90 -52.65 4.77
CA LYS A 351 -1.68 -52.90 5.99
C LYS A 351 -2.91 -53.74 5.69
N CYS A 352 -3.57 -53.49 4.55
CA CYS A 352 -4.77 -54.23 4.14
C CYS A 352 -4.49 -55.69 3.80
N LEU A 353 -3.33 -55.97 3.17
CA LEU A 353 -2.92 -57.33 2.79
C LEU A 353 -2.63 -58.20 4.02
N LEU A 354 -1.94 -57.64 5.03
CA LEU A 354 -1.61 -58.34 6.28
C LEU A 354 -2.88 -58.66 7.07
N ASP A 355 -3.85 -57.72 7.09
CA ASP A 355 -5.13 -57.90 7.78
C ASP A 355 -6.07 -58.86 7.06
N ARG A 356 -5.89 -59.03 5.72
CA ARG A 356 -6.74 -59.90 4.91
C ARG A 356 -6.24 -61.33 4.79
N VAL A 357 -4.91 -61.55 4.77
CA VAL A 357 -4.37 -62.90 4.62
C VAL A 357 -3.29 -63.21 5.72
N PRO A 358 -3.53 -64.22 6.58
CA PRO A 358 -2.54 -64.54 7.64
C PRO A 358 -1.27 -65.21 7.13
N GLU A 359 -0.21 -65.25 7.96
CA GLU A 359 1.10 -65.84 7.66
C GLU A 359 1.01 -67.29 7.11
N GLU A 360 0.11 -68.11 7.67
CA GLU A 360 -0.10 -69.51 7.25
C GLU A 360 -0.65 -69.66 5.83
N GLU A 361 -1.29 -68.59 5.30
CA GLU A 361 -1.90 -68.57 3.97
C GLU A 361 -1.11 -67.72 2.93
N LYS A 362 0.08 -67.20 3.31
CA LYS A 362 0.92 -66.31 2.49
C LYS A 362 1.35 -66.88 1.11
N ASP A 363 1.32 -68.21 0.92
CA ASP A 363 1.72 -68.82 -0.35
C ASP A 363 0.58 -69.54 -1.09
N THR A 364 -0.63 -69.56 -0.52
CA THR A 364 -1.78 -70.22 -1.13
C THR A 364 -2.93 -69.24 -1.49
N ASN A 365 -3.07 -68.13 -0.73
CA ASN A 365 -4.11 -67.13 -0.97
C ASN A 365 -3.60 -65.97 -1.83
N VAL A 366 -4.17 -65.83 -3.04
CA VAL A 366 -3.85 -64.77 -3.99
C VAL A 366 -4.99 -63.75 -3.93
N GLN A 367 -4.65 -62.53 -3.47
CA GLN A 367 -5.60 -61.43 -3.35
C GLN A 367 -5.77 -60.76 -4.70
N VAL A 368 -7.02 -60.53 -5.12
CA VAL A 368 -7.31 -59.87 -6.39
C VAL A 368 -7.44 -58.36 -6.16
N LEU A 369 -6.45 -57.60 -6.67
CA LEU A 369 -6.36 -56.15 -6.57
C LEU A 369 -6.73 -55.46 -7.89
N MET A 370 -7.60 -54.45 -7.81
CA MET A 370 -8.02 -53.69 -8.98
C MET A 370 -7.73 -52.21 -8.82
N VAL A 371 -6.82 -51.69 -9.65
CA VAL A 371 -6.49 -50.28 -9.68
C VAL A 371 -7.48 -49.64 -10.67
N LEU A 372 -8.50 -48.96 -10.12
CA LEU A 372 -9.58 -48.32 -10.89
C LEU A 372 -9.23 -46.87 -11.19
N GLY A 373 -8.70 -46.65 -12.39
CA GLY A 373 -8.18 -45.38 -12.88
C GLY A 373 -6.68 -45.38 -12.66
N ALA A 374 -6.00 -46.31 -13.35
CA ALA A 374 -4.56 -46.59 -13.23
C ALA A 374 -3.62 -45.52 -13.75
N GLY A 375 -4.12 -44.61 -14.58
CA GLY A 375 -3.30 -43.57 -15.21
C GLY A 375 -2.20 -44.21 -16.03
N ARG A 376 -0.96 -43.75 -15.83
CA ARG A 376 0.21 -44.30 -16.51
C ARG A 376 0.87 -45.45 -15.69
N GLY A 377 0.23 -45.84 -14.58
CA GLY A 377 0.63 -46.95 -13.71
C GLY A 377 1.32 -46.72 -12.37
N PRO A 378 1.29 -45.54 -11.68
CA PRO A 378 2.03 -45.43 -10.41
C PRO A 378 1.41 -46.20 -9.25
N LEU A 379 0.06 -46.29 -9.18
CA LEU A 379 -0.60 -47.07 -8.13
C LEU A 379 -0.41 -48.58 -8.39
N VAL A 380 -0.09 -48.97 -9.67
CA VAL A 380 0.17 -50.37 -10.02
C VAL A 380 1.51 -50.76 -9.37
N ASN A 381 2.52 -49.90 -9.54
CA ASN A 381 3.84 -50.09 -8.91
C ASN A 381 3.76 -50.03 -7.39
N ALA A 382 2.92 -49.13 -6.83
CA ALA A 382 2.69 -49.01 -5.39
C ALA A 382 2.05 -50.30 -4.84
N SER A 383 1.12 -50.92 -5.61
CA SER A 383 0.46 -52.17 -5.21
C SER A 383 1.45 -53.34 -5.19
N LEU A 384 2.33 -53.42 -6.22
CA LEU A 384 3.36 -54.45 -6.34
C LEU A 384 4.39 -54.35 -5.22
N ARG A 385 4.88 -53.11 -4.93
CA ARG A 385 5.82 -52.85 -3.84
C ARG A 385 5.21 -53.21 -2.47
N ALA A 386 3.90 -52.96 -2.28
CA ALA A 386 3.18 -53.26 -1.04
C ALA A 386 3.05 -54.77 -0.82
N ALA A 387 2.83 -55.55 -1.91
CA ALA A 387 2.71 -57.01 -1.86
C ALA A 387 4.06 -57.68 -1.54
N LYS A 388 5.18 -57.06 -2.01
CA LYS A 388 6.53 -57.51 -1.73
C LYS A 388 6.88 -57.22 -0.26
N GLN A 389 6.41 -56.06 0.25
CA GLN A 389 6.60 -55.59 1.63
C GLN A 389 5.84 -56.48 2.62
N ALA A 390 4.57 -56.82 2.29
CA ALA A 390 3.68 -57.65 3.11
C ALA A 390 4.00 -59.14 2.99
N ASP A 391 4.82 -59.53 1.99
CA ASP A 391 5.18 -60.90 1.62
C ASP A 391 3.88 -61.69 1.36
N ARG A 392 3.02 -61.11 0.50
CA ARG A 392 1.71 -61.67 0.13
C ARG A 392 1.56 -61.73 -1.39
N ARG A 393 0.68 -62.63 -1.85
CA ARG A 393 0.44 -62.88 -3.28
C ARG A 393 -0.73 -62.06 -3.80
N ILE A 394 -0.52 -61.34 -4.92
CA ILE A 394 -1.56 -60.52 -5.54
C ILE A 394 -1.71 -60.75 -7.05
N LYS A 395 -2.95 -60.63 -7.55
CA LYS A 395 -3.32 -60.69 -8.96
C LYS A 395 -3.85 -59.26 -9.26
N LEU A 396 -3.17 -58.54 -10.18
CA LEU A 396 -3.51 -57.14 -10.49
C LEU A 396 -4.27 -56.88 -11.79
N TYR A 397 -5.24 -55.96 -11.70
CA TYR A 397 -6.02 -55.42 -12.83
C TYR A 397 -5.82 -53.90 -12.84
N ALA A 398 -5.40 -53.34 -13.98
CA ALA A 398 -5.17 -51.90 -14.11
C ALA A 398 -6.16 -51.35 -15.12
N VAL A 399 -7.30 -50.86 -14.62
CA VAL A 399 -8.42 -50.30 -15.38
C VAL A 399 -8.20 -48.81 -15.61
N GLU A 400 -8.31 -48.36 -16.88
CA GLU A 400 -8.10 -46.96 -17.26
C GLU A 400 -8.96 -46.61 -18.46
N LYS A 401 -9.74 -45.52 -18.33
CA LYS A 401 -10.65 -45.03 -19.37
C LYS A 401 -9.92 -44.16 -20.43
N ASN A 402 -8.80 -43.51 -20.07
CA ASN A 402 -8.00 -42.69 -20.98
C ASN A 402 -7.19 -43.62 -21.89
N PRO A 403 -7.57 -43.71 -23.20
CA PRO A 403 -6.87 -44.65 -24.10
C PRO A 403 -5.42 -44.29 -24.36
N ASN A 404 -5.07 -43.01 -24.23
CA ASN A 404 -3.71 -42.51 -24.41
C ASN A 404 -2.81 -42.97 -23.24
N ALA A 405 -3.36 -43.00 -22.01
CA ALA A 405 -2.66 -43.48 -20.82
C ALA A 405 -2.52 -45.00 -20.93
N VAL A 406 -3.51 -45.68 -21.52
CA VAL A 406 -3.52 -47.13 -21.78
C VAL A 406 -2.30 -47.56 -22.62
N VAL A 407 -1.81 -46.69 -23.55
CA VAL A 407 -0.62 -46.95 -24.37
C VAL A 407 0.60 -47.14 -23.45
N THR A 408 0.77 -46.25 -22.46
CA THR A 408 1.86 -46.30 -21.47
C THR A 408 1.73 -47.57 -20.63
N LEU A 409 0.51 -47.91 -20.20
CA LEU A 409 0.19 -49.07 -19.39
C LEU A 409 0.50 -50.38 -20.10
N GLU A 410 0.13 -50.48 -21.40
CA GLU A 410 0.33 -51.71 -22.19
C GLU A 410 1.78 -51.89 -22.60
N ASN A 411 2.52 -50.78 -22.77
CA ASN A 411 3.95 -50.84 -23.08
C ASN A 411 4.73 -51.27 -21.83
N TRP A 412 4.30 -50.79 -20.64
CA TRP A 412 4.91 -51.14 -19.37
C TRP A 412 4.59 -52.60 -19.01
N GLN A 413 3.35 -53.06 -19.24
CA GLN A 413 2.94 -54.43 -18.97
C GLN A 413 3.77 -55.45 -19.79
N PHE A 414 4.04 -55.15 -21.08
CA PHE A 414 4.79 -56.03 -21.95
C PHE A 414 6.27 -56.10 -21.55
N GLU A 415 6.88 -54.93 -21.29
CA GLU A 415 8.29 -54.80 -20.97
C GLU A 415 8.68 -55.11 -19.52
N GLU A 416 7.82 -54.80 -18.52
CA GLU A 416 8.17 -54.93 -17.10
C GLU A 416 7.27 -55.84 -16.24
N TRP A 417 5.95 -55.59 -16.19
CA TRP A 417 5.04 -56.32 -15.31
C TRP A 417 4.78 -57.76 -15.67
N GLY A 418 4.37 -58.02 -16.92
CA GLY A 418 4.04 -59.35 -17.38
C GLY A 418 2.61 -59.73 -17.02
N SER A 419 2.35 -61.06 -17.00
CA SER A 419 1.05 -61.68 -16.73
C SER A 419 0.38 -61.27 -15.40
N GLN A 420 1.19 -60.93 -14.37
CA GLN A 420 0.69 -60.51 -13.05
C GLN A 420 -0.32 -59.33 -13.17
N VAL A 421 -0.05 -58.40 -14.09
CA VAL A 421 -0.90 -57.23 -14.34
C VAL A 421 -1.70 -57.39 -15.64
N THR A 422 -3.04 -57.32 -15.55
CA THR A 422 -3.94 -57.36 -16.69
C THR A 422 -4.38 -55.90 -16.92
N VAL A 423 -4.04 -55.32 -18.08
CA VAL A 423 -4.44 -53.94 -18.41
C VAL A 423 -5.83 -53.97 -19.05
N VAL A 424 -6.73 -53.09 -18.56
CA VAL A 424 -8.10 -52.97 -19.06
C VAL A 424 -8.34 -51.53 -19.56
N SER A 425 -8.69 -51.40 -20.84
CA SER A 425 -9.03 -50.12 -21.46
C SER A 425 -10.54 -49.97 -21.40
N SER A 426 -11.06 -49.36 -20.32
CA SER A 426 -12.50 -49.22 -20.10
C SER A 426 -12.81 -48.23 -18.99
N ASP A 427 -14.09 -47.80 -18.95
CA ASP A 427 -14.64 -46.99 -17.87
C ASP A 427 -14.98 -48.03 -16.79
N MET A 428 -14.66 -47.75 -15.51
CA MET A 428 -14.96 -48.67 -14.41
C MET A 428 -16.45 -48.94 -14.22
N ARG A 429 -17.31 -48.03 -14.71
CA ARG A 429 -18.76 -48.14 -14.60
C ARG A 429 -19.35 -49.06 -15.67
N GLU A 430 -18.60 -49.34 -16.76
CA GLU A 430 -19.06 -50.18 -17.87
C GLU A 430 -18.34 -51.51 -17.98
N TRP A 431 -17.19 -51.66 -17.32
CA TRP A 431 -16.40 -52.90 -17.35
C TRP A 431 -17.10 -54.08 -16.69
N VAL A 432 -17.18 -55.20 -17.43
CA VAL A 432 -17.72 -56.47 -16.95
C VAL A 432 -16.48 -57.21 -16.52
N ALA A 433 -16.20 -57.25 -15.21
CA ALA A 433 -15.03 -57.90 -14.65
C ALA A 433 -15.11 -59.44 -14.76
N PRO A 434 -14.00 -60.16 -15.05
CA PRO A 434 -14.08 -61.63 -15.16
C PRO A 434 -14.15 -62.33 -13.79
N GLU A 435 -13.76 -61.61 -12.71
CA GLU A 435 -13.80 -62.09 -11.33
C GLU A 435 -13.94 -60.92 -10.33
N LYS A 436 -14.35 -61.22 -9.10
CA LYS A 436 -14.51 -60.20 -8.06
C LYS A 436 -13.17 -59.83 -7.41
N ALA A 437 -13.08 -58.59 -6.89
CA ALA A 437 -11.86 -58.09 -6.26
C ALA A 437 -11.94 -58.19 -4.75
N ASP A 438 -10.78 -58.37 -4.13
CA ASP A 438 -10.60 -58.36 -2.68
C ASP A 438 -10.41 -56.92 -2.26
N ILE A 439 -9.61 -56.16 -3.06
CA ILE A 439 -9.25 -54.76 -2.85
C ILE A 439 -9.39 -53.93 -4.15
N ILE A 440 -10.12 -52.81 -4.04
CA ILE A 440 -10.22 -51.84 -5.14
C ILE A 440 -9.44 -50.60 -4.69
N VAL A 441 -8.41 -50.25 -5.44
CA VAL A 441 -7.54 -49.11 -5.15
C VAL A 441 -7.88 -48.02 -6.20
N SER A 442 -8.13 -46.77 -5.74
CA SER A 442 -8.41 -45.66 -6.68
C SER A 442 -7.95 -44.33 -6.10
N GLU A 443 -7.70 -43.37 -7.00
CA GLU A 443 -7.37 -42.01 -6.65
C GLU A 443 -8.13 -41.15 -7.64
N LEU A 444 -9.41 -40.96 -7.35
CA LEU A 444 -10.33 -40.19 -8.19
C LEU A 444 -10.75 -38.93 -7.46
N LEU A 445 -9.98 -38.53 -6.44
CA LEU A 445 -10.32 -37.39 -5.61
C LEU A 445 -9.99 -36.06 -6.22
N GLY A 446 -10.87 -35.10 -6.00
CA GLY A 446 -10.66 -33.71 -6.39
C GLY A 446 -10.29 -32.90 -5.15
N SER A 447 -9.97 -31.63 -5.33
CA SER A 447 -9.63 -30.66 -4.28
C SER A 447 -10.72 -30.56 -3.22
N PHE A 448 -11.99 -30.78 -3.64
CA PHE A 448 -13.17 -30.73 -2.76
C PHE A 448 -13.72 -32.16 -2.55
N ALA A 449 -12.81 -33.16 -2.63
CA ALA A 449 -12.99 -34.61 -2.45
C ALA A 449 -13.80 -35.27 -3.56
N ASP A 450 -15.11 -35.00 -3.62
CA ASP A 450 -16.05 -35.64 -4.53
C ASP A 450 -16.32 -34.89 -5.84
N ASN A 451 -15.61 -33.77 -6.11
CA ASN A 451 -15.80 -32.95 -7.32
C ASN A 451 -15.20 -33.54 -8.63
N GLU A 452 -14.51 -34.69 -8.52
CA GLU A 452 -14.02 -35.43 -9.68
C GLU A 452 -14.86 -36.71 -9.88
N LEU A 453 -16.02 -36.73 -9.19
CA LEU A 453 -17.06 -37.76 -9.24
C LEU A 453 -16.61 -39.16 -8.79
N SER A 454 -15.71 -39.21 -7.77
CA SER A 454 -15.31 -40.46 -7.13
C SER A 454 -16.55 -41.23 -6.60
N PRO A 455 -17.60 -40.59 -5.98
CA PRO A 455 -18.77 -41.37 -5.53
C PRO A 455 -19.48 -42.12 -6.66
N GLU A 456 -19.74 -41.46 -7.80
CA GLU A 456 -20.42 -42.06 -8.96
C GLU A 456 -19.59 -43.16 -9.63
N CYS A 457 -18.29 -42.93 -9.78
CA CYS A 457 -17.40 -43.90 -10.40
C CYS A 457 -17.28 -45.18 -9.55
N LEU A 458 -17.05 -45.02 -8.23
CA LEU A 458 -16.92 -46.17 -7.32
C LEU A 458 -18.24 -46.90 -7.07
N ASP A 459 -19.39 -46.20 -7.22
CA ASP A 459 -20.72 -46.83 -7.09
C ASP A 459 -20.98 -47.79 -8.24
N GLY A 460 -20.52 -47.44 -9.44
CA GLY A 460 -20.65 -48.27 -10.63
C GLY A 460 -19.63 -49.37 -10.68
N ALA A 461 -18.64 -49.35 -9.77
CA ALA A 461 -17.56 -50.32 -9.70
C ALA A 461 -17.67 -51.29 -8.51
N GLN A 462 -18.50 -50.97 -7.49
CA GLN A 462 -18.60 -51.79 -6.29
C GLN A 462 -19.27 -53.17 -6.51
N HIS A 463 -20.04 -53.36 -7.60
CA HIS A 463 -20.67 -54.64 -7.91
C HIS A 463 -19.62 -55.75 -8.16
N PHE A 464 -18.41 -55.40 -8.64
CA PHE A 464 -17.37 -56.41 -8.85
C PHE A 464 -16.37 -56.49 -7.68
N LEU A 465 -16.78 -55.94 -6.53
CA LEU A 465 -16.02 -56.01 -5.29
C LEU A 465 -16.71 -57.08 -4.44
N LYS A 466 -15.91 -57.99 -3.83
CA LYS A 466 -16.43 -59.08 -2.98
C LYS A 466 -17.30 -58.52 -1.84
N ASP A 467 -18.21 -59.36 -1.27
CA ASP A 467 -19.08 -58.97 -0.16
C ASP A 467 -18.28 -58.46 1.05
N ASP A 468 -17.07 -59.02 1.26
CA ASP A 468 -16.16 -58.65 2.35
C ASP A 468 -15.00 -57.74 1.84
N GLY A 469 -15.03 -57.40 0.54
CA GLY A 469 -14.01 -56.60 -0.12
C GLY A 469 -13.79 -55.20 0.44
N VAL A 470 -12.56 -54.69 0.29
CA VAL A 470 -12.14 -53.36 0.80
C VAL A 470 -11.94 -52.35 -0.34
N SER A 471 -12.32 -51.09 -0.10
CA SER A 471 -12.09 -49.99 -1.02
C SER A 471 -11.07 -49.04 -0.37
N ILE A 472 -9.96 -48.80 -1.08
CA ILE A 472 -8.93 -47.84 -0.68
C ILE A 472 -9.04 -46.69 -1.71
N PRO A 473 -9.52 -45.47 -1.34
CA PRO A 473 -9.87 -45.00 0.02
C PRO A 473 -11.22 -45.50 0.50
N GLY A 474 -11.35 -45.61 1.83
CA GLY A 474 -12.56 -46.08 2.49
C GLY A 474 -13.56 -44.97 2.71
N GLU A 475 -13.07 -43.74 2.90
CA GLU A 475 -13.91 -42.54 3.09
C GLU A 475 -13.15 -41.26 2.82
N TYR A 476 -13.91 -40.20 2.55
CA TYR A 476 -13.38 -38.87 2.32
C TYR A 476 -14.38 -37.82 2.72
N THR A 477 -13.86 -36.71 3.21
CA THR A 477 -14.66 -35.60 3.71
C THR A 477 -14.14 -34.29 3.13
N SER A 478 -15.03 -33.47 2.59
CA SER A 478 -14.67 -32.14 2.11
C SER A 478 -14.80 -31.14 3.28
N PHE A 479 -14.00 -30.08 3.24
CA PHE A 479 -14.00 -29.01 4.24
C PHE A 479 -14.16 -27.66 3.57
N LEU A 480 -14.85 -26.73 4.23
CA LEU A 480 -15.04 -25.36 3.74
C LEU A 480 -14.62 -24.38 4.81
N ALA A 481 -14.08 -23.23 4.38
CA ALA A 481 -13.69 -22.11 5.23
C ALA A 481 -14.02 -20.79 4.53
N PRO A 482 -14.70 -19.83 5.19
CA PRO A 482 -14.94 -18.51 4.56
C PRO A 482 -13.62 -17.77 4.43
N ILE A 483 -13.43 -17.05 3.34
CA ILE A 483 -12.20 -16.31 3.10
C ILE A 483 -12.45 -14.88 2.66
N SER A 484 -11.47 -14.02 2.95
CA SER A 484 -11.43 -12.64 2.49
C SER A 484 -10.21 -12.52 1.59
N SER A 485 -10.41 -11.98 0.40
CA SER A 485 -9.37 -11.71 -0.58
C SER A 485 -9.91 -10.81 -1.67
N SER A 486 -9.58 -9.51 -1.61
CA SER A 486 -10.00 -8.56 -2.64
C SER A 486 -9.26 -8.84 -3.92
N LYS A 487 -8.03 -9.39 -3.79
CA LYS A 487 -7.19 -9.79 -4.92
C LYS A 487 -7.87 -10.92 -5.73
N LEU A 488 -8.30 -12.00 -5.06
CA LEU A 488 -8.98 -13.14 -5.72
C LEU A 488 -10.34 -12.73 -6.28
N TYR A 489 -11.07 -11.86 -5.57
CA TYR A 489 -12.35 -11.34 -6.04
C TYR A 489 -12.16 -10.67 -7.40
N ASN A 490 -11.08 -9.88 -7.54
CA ASN A 490 -10.74 -9.20 -8.79
C ASN A 490 -10.33 -10.16 -9.90
N GLU A 491 -9.58 -11.22 -9.57
CA GLU A 491 -9.15 -12.26 -10.51
C GLU A 491 -10.37 -12.99 -11.11
N VAL A 492 -11.37 -13.32 -10.26
CA VAL A 492 -12.61 -13.98 -10.70
C VAL A 492 -13.41 -13.02 -11.59
N ARG A 493 -13.54 -11.76 -11.15
CA ARG A 493 -14.23 -10.68 -11.87
C ARG A 493 -13.67 -10.55 -13.31
N ALA A 494 -12.33 -10.63 -13.46
CA ALA A 494 -11.64 -10.56 -14.75
C ALA A 494 -11.91 -11.78 -15.66
N CYS A 495 -12.55 -12.85 -15.13
CA CYS A 495 -12.86 -14.06 -15.91
C CYS A 495 -14.15 -13.91 -16.75
N ARG A 496 -14.74 -12.70 -16.83
CA ARG A 496 -15.93 -12.47 -17.66
C ARG A 496 -15.57 -12.76 -19.13
N GLU A 497 -16.36 -13.63 -19.77
CA GLU A 497 -16.13 -14.02 -21.15
C GLU A 497 -17.30 -13.61 -22.01
N LYS A 498 -17.04 -13.39 -23.31
CA LYS A 498 -18.08 -13.11 -24.30
C LYS A 498 -18.83 -14.42 -24.57
N ASP A 499 -20.07 -14.33 -25.10
CA ASP A 499 -20.92 -15.47 -25.49
C ASP A 499 -21.40 -16.34 -24.29
N ARG A 500 -21.53 -15.71 -23.11
CA ARG A 500 -22.02 -16.37 -21.89
C ARG A 500 -22.54 -15.32 -20.90
N ASP A 501 -23.31 -15.74 -19.86
CA ASP A 501 -23.86 -14.87 -18.82
C ASP A 501 -22.73 -14.02 -18.23
N PRO A 502 -22.96 -12.68 -18.08
CA PRO A 502 -21.89 -11.80 -17.55
C PRO A 502 -21.41 -12.05 -16.12
N GLU A 503 -22.13 -12.88 -15.34
CA GLU A 503 -21.76 -13.23 -13.97
C GLU A 503 -21.49 -14.73 -13.78
N ALA A 504 -21.42 -15.51 -14.88
CA ALA A 504 -21.18 -16.97 -14.82
C ALA A 504 -19.88 -17.33 -14.09
N GLN A 505 -18.82 -16.48 -14.23
CA GLN A 505 -17.51 -16.66 -13.59
C GLN A 505 -17.57 -16.72 -12.05
N PHE A 506 -18.60 -16.13 -11.42
CA PHE A 506 -18.76 -16.16 -9.96
C PHE A 506 -19.49 -17.41 -9.49
N GLU A 507 -20.12 -18.15 -10.42
CA GLU A 507 -20.94 -19.33 -10.14
C GLU A 507 -20.22 -20.64 -10.48
N MET A 508 -18.90 -20.63 -10.38
CA MET A 508 -18.12 -21.83 -10.68
C MET A 508 -16.91 -21.90 -9.77
N PRO A 509 -16.51 -23.09 -9.33
CA PRO A 509 -15.31 -23.18 -8.49
C PRO A 509 -14.01 -23.11 -9.32
N TYR A 510 -12.92 -22.73 -8.68
CA TYR A 510 -11.60 -22.65 -9.31
C TYR A 510 -10.60 -23.40 -8.45
N VAL A 511 -9.68 -24.12 -9.08
CA VAL A 511 -8.58 -24.78 -8.36
C VAL A 511 -7.53 -23.67 -8.30
N VAL A 512 -7.05 -23.32 -7.11
CA VAL A 512 -6.11 -22.22 -6.95
C VAL A 512 -5.24 -22.40 -5.73
N ARG A 513 -3.95 -22.12 -5.87
CA ARG A 513 -3.05 -22.15 -4.73
C ARG A 513 -3.27 -20.78 -4.05
N LEU A 514 -4.25 -20.73 -3.10
CA LEU A 514 -4.62 -19.53 -2.36
C LEU A 514 -3.40 -18.99 -1.62
N HIS A 515 -3.12 -17.70 -1.79
CA HIS A 515 -1.92 -17.11 -1.21
C HIS A 515 -2.20 -15.79 -0.49
N ASN A 516 -2.72 -14.80 -1.21
CA ASN A 516 -3.05 -13.51 -0.61
C ASN A 516 -4.53 -13.49 -0.21
N PHE A 517 -4.78 -14.01 0.98
CA PHE A 517 -6.11 -14.14 1.55
C PHE A 517 -6.07 -14.19 3.05
N HIS A 518 -7.24 -14.13 3.65
CA HIS A 518 -7.47 -14.21 5.06
C HIS A 518 -8.55 -15.25 5.29
N GLN A 519 -8.22 -16.35 5.97
CA GLN A 519 -9.15 -17.39 6.37
C GLN A 519 -9.88 -16.79 7.59
N LEU A 520 -11.22 -16.66 7.51
CA LEU A 520 -12.04 -15.95 8.50
C LEU A 520 -12.59 -16.78 9.64
N SER A 521 -12.55 -18.11 9.51
CA SER A 521 -13.03 -19.07 10.49
C SER A 521 -12.41 -20.42 10.15
N ALA A 522 -12.19 -21.27 11.17
CA ALA A 522 -11.60 -22.59 11.04
C ALA A 522 -12.40 -23.48 10.05
N PRO A 523 -11.72 -24.25 9.15
CA PRO A 523 -12.48 -25.11 8.23
C PRO A 523 -13.43 -26.06 8.96
N GLN A 524 -14.60 -26.28 8.39
CA GLN A 524 -15.62 -27.17 8.96
C GLN A 524 -15.97 -28.25 7.94
N PRO A 525 -16.25 -29.50 8.40
CA PRO A 525 -16.60 -30.56 7.43
C PRO A 525 -17.91 -30.26 6.73
N CYS A 526 -17.96 -30.53 5.42
CA CYS A 526 -19.09 -30.25 4.55
C CYS A 526 -19.79 -31.57 4.13
N PHE A 527 -19.20 -32.33 3.17
CA PHE A 527 -19.78 -33.58 2.68
C PHE A 527 -18.86 -34.77 2.90
N THR A 528 -19.46 -35.92 3.24
CA THR A 528 -18.74 -37.17 3.46
C THR A 528 -19.31 -38.31 2.61
N PHE A 529 -18.42 -39.14 2.07
CA PHE A 529 -18.77 -40.34 1.30
C PHE A 529 -17.95 -41.51 1.84
N SER A 530 -18.57 -42.70 1.90
CA SER A 530 -17.94 -43.94 2.37
C SER A 530 -18.00 -45.01 1.29
N HIS A 531 -16.94 -45.82 1.14
CA HIS A 531 -16.89 -46.88 0.14
C HIS A 531 -16.49 -48.26 0.70
N PRO A 532 -17.22 -49.36 0.38
CA PRO A 532 -18.44 -49.46 -0.45
C PRO A 532 -19.66 -48.89 0.25
N ASN A 533 -20.70 -48.55 -0.53
CA ASN A 533 -21.95 -48.00 0.00
C ASN A 533 -23.01 -49.10 -0.14
N ARG A 534 -23.25 -49.85 0.96
CA ARG A 534 -24.15 -51.01 1.00
C ARG A 534 -25.62 -50.66 1.36
N ASP A 535 -25.98 -49.36 1.30
CA ASP A 535 -27.35 -48.89 1.56
C ASP A 535 -28.30 -49.34 0.44
N PRO A 536 -29.58 -49.68 0.75
CA PRO A 536 -30.52 -50.10 -0.32
C PRO A 536 -30.79 -49.03 -1.36
N MET A 537 -30.85 -47.74 -0.94
CA MET A 537 -31.05 -46.59 -1.81
C MET A 537 -29.84 -45.68 -1.74
N ILE A 538 -28.97 -45.77 -2.77
CA ILE A 538 -27.76 -44.93 -2.81
C ILE A 538 -28.13 -43.53 -3.31
N ASP A 539 -27.79 -42.50 -2.50
CA ASP A 539 -28.04 -41.11 -2.87
C ASP A 539 -26.82 -40.23 -2.61
N ASN A 540 -26.16 -39.80 -3.71
CA ASN A 540 -24.95 -38.97 -3.64
C ASN A 540 -25.23 -37.47 -3.50
N ASN A 541 -26.51 -37.09 -3.59
CA ASN A 541 -26.95 -35.71 -3.38
C ASN A 541 -26.76 -35.36 -1.92
N ARG A 542 -26.46 -34.09 -1.65
CA ARG A 542 -26.15 -33.64 -0.31
C ARG A 542 -26.65 -32.24 -0.07
N TYR A 543 -26.87 -31.89 1.21
CA TYR A 543 -27.27 -30.55 1.65
C TYR A 543 -26.64 -30.31 3.02
N CYS A 544 -25.82 -29.26 3.13
CA CYS A 544 -25.10 -28.91 4.33
C CYS A 544 -25.30 -27.45 4.68
N THR A 545 -25.51 -27.17 5.98
CA THR A 545 -25.62 -25.80 6.53
C THR A 545 -24.45 -25.64 7.48
N LEU A 546 -23.61 -24.64 7.22
CA LEU A 546 -22.44 -24.35 8.04
C LEU A 546 -22.52 -22.96 8.67
N GLU A 547 -22.21 -22.87 9.96
CA GLU A 547 -22.20 -21.62 10.72
C GLU A 547 -20.77 -21.35 11.17
N PHE A 548 -20.19 -20.29 10.65
CA PHE A 548 -18.81 -19.90 10.92
C PHE A 548 -18.70 -18.69 11.82
N PRO A 549 -18.23 -18.87 13.08
CA PRO A 549 -18.02 -17.71 13.96
C PRO A 549 -16.86 -16.87 13.44
N VAL A 550 -17.09 -15.56 13.35
CA VAL A 550 -16.08 -14.62 12.87
C VAL A 550 -15.75 -13.64 14.01
N GLU A 551 -14.48 -13.63 14.45
CA GLU A 551 -14.02 -12.76 15.54
C GLU A 551 -13.20 -11.56 15.02
N VAL A 552 -13.53 -11.10 13.80
CA VAL A 552 -12.82 -10.03 13.12
C VAL A 552 -13.73 -9.22 12.18
N ASN A 553 -13.43 -7.91 11.95
CA ASN A 553 -14.14 -7.09 10.96
C ASN A 553 -13.47 -7.43 9.65
N THR A 554 -14.27 -7.66 8.58
CA THR A 554 -13.76 -8.15 7.29
C THR A 554 -14.78 -8.04 6.16
N VAL A 555 -14.42 -8.58 4.99
CA VAL A 555 -15.28 -8.67 3.81
C VAL A 555 -15.16 -10.10 3.26
N LEU A 556 -16.28 -10.80 3.19
CA LEU A 556 -16.35 -12.15 2.67
C LEU A 556 -16.34 -12.14 1.14
N HIS A 557 -15.42 -12.91 0.52
CA HIS A 557 -15.33 -12.99 -0.94
C HIS A 557 -15.60 -14.38 -1.51
N GLY A 558 -15.55 -15.39 -0.67
CA GLY A 558 -15.78 -16.75 -1.12
C GLY A 558 -15.44 -17.76 -0.06
N PHE A 559 -15.38 -19.05 -0.46
CA PHE A 559 -15.09 -20.14 0.44
C PHE A 559 -13.99 -21.00 -0.13
N ALA A 560 -13.01 -21.32 0.71
CA ALA A 560 -11.91 -22.21 0.35
C ALA A 560 -12.41 -23.62 0.64
N GLY A 561 -12.12 -24.53 -0.27
CA GLY A 561 -12.52 -25.92 -0.13
C GLY A 561 -11.30 -26.80 -0.06
N TYR A 562 -11.34 -27.75 0.86
CA TYR A 562 -10.26 -28.69 1.12
C TYR A 562 -10.88 -30.06 1.29
N PHE A 563 -10.05 -31.05 1.55
CA PHE A 563 -10.53 -32.41 1.81
C PHE A 563 -9.56 -33.18 2.69
N GLU A 564 -10.07 -34.26 3.25
CA GLU A 564 -9.35 -35.26 4.04
C GLU A 564 -9.84 -36.58 3.53
N THR A 565 -8.97 -37.58 3.49
CA THR A 565 -9.37 -38.93 3.08
C THR A 565 -8.74 -39.99 3.97
N VAL A 566 -9.51 -41.03 4.25
CA VAL A 566 -9.04 -42.19 4.99
C VAL A 566 -8.74 -43.22 3.90
N LEU A 567 -7.45 -43.51 3.67
CA LEU A 567 -7.06 -44.52 2.70
C LEU A 567 -7.38 -45.89 3.27
N TYR A 568 -6.84 -46.18 4.47
CA TYR A 568 -7.07 -47.41 5.22
C TYR A 568 -6.71 -47.18 6.67
N GLN A 569 -7.71 -47.30 7.55
CA GLN A 569 -7.57 -47.15 9.00
C GLN A 569 -6.91 -45.83 9.40
N ASP A 570 -5.63 -45.84 9.83
CA ASP A 570 -4.89 -44.65 10.23
C ASP A 570 -4.06 -44.03 9.11
N ILE A 571 -4.06 -44.69 7.92
CA ILE A 571 -3.34 -44.18 6.76
C ILE A 571 -4.28 -43.20 6.07
N THR A 572 -3.93 -41.91 6.13
CA THR A 572 -4.77 -40.84 5.60
C THR A 572 -3.98 -39.86 4.73
N LEU A 573 -4.72 -39.00 4.01
CA LEU A 573 -4.20 -37.89 3.22
C LEU A 573 -5.09 -36.69 3.55
N SER A 574 -4.49 -35.50 3.55
CA SER A 574 -5.22 -34.28 3.85
C SER A 574 -4.66 -33.05 3.14
N ILE A 575 -5.55 -32.14 2.70
CA ILE A 575 -5.12 -30.85 2.16
C ILE A 575 -5.68 -29.71 3.07
N ARG A 576 -6.29 -30.07 4.21
CA ARG A 576 -6.77 -29.09 5.21
C ARG A 576 -5.50 -28.39 5.71
N PRO A 577 -5.42 -27.05 5.77
CA PRO A 577 -4.15 -26.43 6.23
C PRO A 577 -3.61 -26.95 7.58
N GLU A 578 -4.49 -27.17 8.58
CA GLU A 578 -4.11 -27.63 9.93
C GLU A 578 -3.51 -29.05 9.97
N THR A 579 -3.95 -29.95 9.06
CA THR A 579 -3.48 -31.34 9.02
C THR A 579 -2.84 -31.71 7.67
N HIS A 580 -2.41 -30.71 6.87
CA HIS A 580 -1.86 -30.93 5.54
C HIS A 580 -0.76 -32.00 5.49
N SER A 581 -0.89 -32.96 4.55
CA SER A 581 0.08 -34.04 4.33
C SER A 581 1.37 -33.37 3.82
N PRO A 582 2.55 -33.63 4.46
CA PRO A 582 3.78 -32.93 4.06
C PRO A 582 4.25 -33.18 2.63
N GLY A 583 4.61 -32.09 1.95
CA GLY A 583 5.10 -32.09 0.58
C GLY A 583 4.08 -32.42 -0.48
N MET A 584 2.83 -32.78 -0.09
CA MET A 584 1.76 -33.17 -1.01
C MET A 584 1.23 -32.00 -1.84
N PHE A 585 1.64 -31.92 -3.12
CA PHE A 585 1.21 -30.87 -4.05
C PHE A 585 0.12 -31.36 -5.04
N SER A 586 -0.30 -32.64 -4.94
CA SER A 586 -1.26 -33.25 -5.87
C SER A 586 -2.63 -32.60 -5.90
N TRP A 587 -2.94 -31.79 -4.88
CA TRP A 587 -4.18 -31.05 -4.82
C TRP A 587 -3.96 -29.67 -4.27
N PHE A 588 -4.44 -28.67 -4.99
CA PHE A 588 -4.46 -27.30 -4.54
C PHE A 588 -5.86 -27.09 -4.00
N PRO A 589 -6.11 -26.08 -3.15
CA PRO A 589 -7.49 -25.84 -2.68
C PRO A 589 -8.45 -25.40 -3.80
N ILE A 590 -9.74 -25.45 -3.50
CA ILE A 590 -10.77 -25.00 -4.42
C ILE A 590 -11.33 -23.67 -3.90
N LEU A 591 -11.80 -22.82 -4.79
CA LEU A 591 -12.43 -21.57 -4.37
C LEU A 591 -13.82 -21.48 -4.98
N PHE A 592 -14.83 -21.35 -4.12
CA PHE A 592 -16.21 -21.10 -4.50
C PHE A 592 -16.40 -19.60 -4.30
N PRO A 593 -16.48 -18.80 -5.38
CA PRO A 593 -16.68 -17.36 -5.17
C PRO A 593 -18.14 -17.01 -4.88
N ILE A 594 -18.38 -15.75 -4.50
CA ILE A 594 -19.72 -15.16 -4.35
C ILE A 594 -19.77 -13.91 -5.24
N LYS A 595 -20.91 -13.66 -5.94
CA LYS A 595 -21.09 -12.55 -6.91
C LYS A 595 -20.79 -11.16 -6.33
N GLN A 596 -21.27 -10.92 -5.10
CA GLN A 596 -21.11 -9.65 -4.40
C GLN A 596 -20.41 -9.82 -3.07
N PRO A 597 -19.34 -9.03 -2.82
CA PRO A 597 -18.67 -9.07 -1.49
C PRO A 597 -19.65 -8.77 -0.34
N ILE A 598 -19.50 -9.47 0.79
CA ILE A 598 -20.36 -9.31 1.97
C ILE A 598 -19.58 -8.81 3.17
N THR A 599 -20.03 -7.69 3.74
CA THR A 599 -19.46 -7.08 4.95
C THR A 599 -19.82 -7.92 6.17
N VAL A 600 -18.79 -8.25 6.98
CA VAL A 600 -18.95 -9.04 8.19
C VAL A 600 -18.27 -8.27 9.34
N ARG A 601 -19.00 -8.05 10.43
CA ARG A 601 -18.49 -7.35 11.59
C ARG A 601 -18.04 -8.35 12.63
N GLU A 602 -17.15 -7.93 13.54
CA GLU A 602 -16.63 -8.76 14.63
C GLU A 602 -17.81 -9.36 15.45
N GLY A 603 -17.73 -10.65 15.75
CA GLY A 603 -18.75 -11.36 16.52
C GLY A 603 -19.91 -11.92 15.71
N GLN A 604 -20.01 -11.56 14.42
CA GLN A 604 -21.08 -12.07 13.55
C GLN A 604 -20.76 -13.48 13.07
N THR A 605 -21.80 -14.23 12.66
CA THR A 605 -21.66 -15.59 12.15
C THR A 605 -21.93 -15.60 10.64
N ILE A 606 -21.04 -16.25 9.88
CA ILE A 606 -21.25 -16.45 8.44
C ILE A 606 -22.00 -17.77 8.31
N CYS A 607 -23.19 -17.75 7.70
CA CYS A 607 -23.94 -18.99 7.47
C CYS A 607 -23.93 -19.27 5.97
N VAL A 608 -23.43 -20.45 5.59
CA VAL A 608 -23.40 -20.88 4.20
C VAL A 608 -24.13 -22.20 4.06
N ARG A 609 -24.80 -22.36 2.92
CA ARG A 609 -25.52 -23.57 2.55
C ARG A 609 -24.92 -24.06 1.27
N PHE A 610 -24.58 -25.35 1.21
CA PHE A 610 -24.06 -25.98 0.02
C PHE A 610 -24.92 -27.18 -0.31
N TRP A 611 -25.19 -27.37 -1.60
CA TRP A 611 -25.93 -28.51 -2.12
C TRP A 611 -25.09 -29.23 -3.17
N ARG A 612 -25.07 -30.57 -3.10
CA ARG A 612 -24.47 -31.39 -4.15
C ARG A 612 -25.69 -31.91 -4.90
N CYS A 613 -25.80 -31.57 -6.18
CA CYS A 613 -26.95 -31.93 -7.01
C CYS A 613 -26.52 -32.80 -8.17
N SER A 614 -27.47 -33.52 -8.77
CA SER A 614 -27.23 -34.41 -9.89
C SER A 614 -28.48 -34.86 -10.62
N ASN A 615 -28.26 -35.34 -11.84
CA ASN A 615 -29.19 -36.04 -12.71
C ASN A 615 -28.34 -37.17 -13.31
N SER A 616 -28.87 -37.93 -14.27
CA SER A 616 -28.12 -39.04 -14.89
C SER A 616 -26.95 -38.58 -15.77
N LYS A 617 -26.97 -37.33 -16.23
CA LYS A 617 -25.95 -36.78 -17.12
C LYS A 617 -24.84 -35.97 -16.46
N LYS A 618 -25.16 -35.29 -15.34
CA LYS A 618 -24.16 -34.42 -14.69
C LYS A 618 -24.36 -34.26 -13.20
N VAL A 619 -23.34 -33.68 -12.55
CA VAL A 619 -23.27 -33.39 -11.13
C VAL A 619 -22.83 -31.94 -10.99
N TRP A 620 -23.36 -31.23 -9.98
CA TRP A 620 -22.96 -29.85 -9.73
C TRP A 620 -23.19 -29.43 -8.28
N TYR A 621 -22.70 -28.24 -7.94
CA TYR A 621 -22.92 -27.68 -6.62
C TYR A 621 -23.72 -26.43 -6.76
N GLU A 622 -24.54 -26.15 -5.75
CA GLU A 622 -25.25 -24.90 -5.58
C GLU A 622 -24.86 -24.39 -4.19
N TRP A 623 -24.73 -23.09 -4.03
CA TRP A 623 -24.35 -22.51 -2.74
C TRP A 623 -24.96 -21.14 -2.51
N ALA A 624 -25.16 -20.79 -1.24
CA ALA A 624 -25.71 -19.49 -0.83
C ALA A 624 -25.29 -19.11 0.58
N VAL A 625 -25.10 -17.81 0.80
CA VAL A 625 -24.80 -17.21 2.11
C VAL A 625 -26.17 -16.76 2.66
N THR A 626 -26.50 -17.10 3.92
CA THR A 626 -27.80 -16.73 4.51
C THR A 626 -27.65 -15.77 5.71
N ALA A 627 -26.42 -15.63 6.25
CA ALA A 627 -26.09 -14.72 7.36
C ALA A 627 -24.64 -14.22 7.20
N PRO A 628 -24.28 -12.95 7.54
CA PRO A 628 -25.12 -11.88 8.14
C PRO A 628 -26.19 -11.34 7.18
N VAL A 629 -25.97 -11.49 5.85
CA VAL A 629 -26.92 -11.14 4.78
C VAL A 629 -27.04 -12.30 3.81
N CYS A 630 -28.15 -12.34 3.04
CA CYS A 630 -28.36 -13.38 2.03
C CYS A 630 -27.69 -12.98 0.75
N SER A 631 -27.14 -13.96 0.06
CA SER A 631 -26.61 -13.78 -1.29
C SER A 631 -27.68 -14.42 -2.17
N ALA A 632 -27.51 -14.31 -3.48
CA ALA A 632 -28.32 -15.03 -4.47
C ALA A 632 -27.89 -16.51 -4.38
N ILE A 633 -28.75 -17.45 -4.78
CA ILE A 633 -28.34 -18.87 -4.87
C ILE A 633 -27.37 -18.91 -6.08
N HIS A 634 -26.18 -19.48 -5.88
CA HIS A 634 -25.17 -19.57 -6.90
C HIS A 634 -25.28 -20.88 -7.62
N ASN A 635 -25.09 -20.83 -8.95
CA ASN A 635 -25.10 -21.93 -9.90
C ASN A 635 -26.41 -22.73 -9.89
N PRO A 636 -27.62 -22.12 -9.87
CA PRO A 636 -28.84 -22.94 -9.84
C PRO A 636 -29.01 -23.76 -11.11
N THR A 637 -29.37 -25.06 -10.96
CA THR A 637 -29.54 -26.08 -12.02
C THR A 637 -28.22 -26.37 -12.80
N GLY A 638 -27.10 -25.91 -12.27
CA GLY A 638 -25.80 -26.03 -12.91
C GLY A 638 -25.70 -25.18 -14.16
N ARG A 639 -26.42 -24.05 -14.20
CA ARG A 639 -26.48 -23.15 -15.36
C ARG A 639 -25.10 -22.59 -15.77
N SER A 640 -24.17 -22.50 -14.81
CA SER A 640 -22.83 -21.98 -15.10
C SER A 640 -21.76 -23.05 -15.01
N TYR A 641 -21.97 -24.08 -14.19
CA TYR A 641 -20.98 -25.13 -13.95
C TYR A 641 -21.60 -26.47 -13.68
N THR A 642 -21.17 -27.51 -14.42
CA THR A 642 -21.52 -28.92 -14.22
C THR A 642 -20.29 -29.79 -14.47
N ILE A 643 -20.27 -30.97 -13.87
CA ILE A 643 -19.24 -31.98 -14.04
C ILE A 643 -19.95 -33.12 -14.78
N GLY A 644 -19.62 -33.33 -16.04
CA GLY A 644 -20.27 -34.34 -16.87
C GLY A 644 -20.00 -35.76 -16.44
N LEU A 645 -21.06 -36.59 -16.38
CA LEU A 645 -21.00 -38.02 -16.06
C LEU A 645 -20.69 -38.84 -17.31
N PRO B 28 30.09 39.91 -8.06
CA PRO B 28 30.85 39.43 -6.91
C PRO B 28 31.32 37.99 -7.07
N PRO B 29 32.46 37.56 -6.45
CA PRO B 29 32.89 36.16 -6.61
C PRO B 29 31.97 35.16 -5.89
N ASN B 30 31.96 33.89 -6.35
CA ASN B 30 31.14 32.77 -5.84
C ASN B 30 29.63 32.94 -6.12
N ALA B 31 29.19 34.17 -6.46
CA ALA B 31 27.80 34.49 -6.79
C ALA B 31 27.44 33.99 -8.18
N PRO B 32 26.26 33.32 -8.36
CA PRO B 32 25.90 32.82 -9.70
C PRO B 32 25.49 33.95 -10.66
N ALA B 33 25.80 33.77 -11.97
CA ALA B 33 25.51 34.74 -13.03
C ALA B 33 24.01 34.99 -13.23
N CYS B 34 23.15 34.02 -12.86
CA CYS B 34 21.71 34.11 -13.00
C CYS B 34 20.94 33.77 -11.71
N MET B 35 19.90 34.54 -11.42
CA MET B 35 19.01 34.32 -10.28
C MET B 35 17.80 33.53 -10.77
N GLU B 36 17.40 32.49 -9.98
CA GLU B 36 16.24 31.64 -10.29
C GLU B 36 14.95 32.45 -10.23
N ARG B 37 14.02 32.16 -11.15
CA ARG B 37 12.75 32.86 -11.36
C ARG B 37 11.85 33.02 -10.11
N GLN B 38 11.68 31.95 -9.31
CA GLN B 38 10.74 31.97 -8.19
C GLN B 38 11.32 32.58 -6.89
N LEU B 39 11.03 33.87 -6.68
CA LEU B 39 11.42 34.60 -5.47
C LEU B 39 10.51 34.17 -4.32
N GLU B 40 11.11 33.56 -3.29
CA GLU B 40 10.37 33.02 -2.13
C GLU B 40 10.34 33.95 -0.92
N ALA B 41 11.46 34.61 -0.61
CA ALA B 41 11.55 35.48 0.56
C ALA B 41 12.31 36.78 0.33
N ALA B 42 11.91 37.81 1.09
CA ALA B 42 12.50 39.15 1.08
C ALA B 42 12.49 39.64 2.52
N ARG B 43 13.70 39.92 3.08
CA ARG B 43 13.83 40.39 4.47
C ARG B 43 14.80 41.55 4.62
N TYR B 44 14.28 42.71 5.06
CA TYR B 44 15.12 43.88 5.34
C TYR B 44 15.86 43.69 6.67
N ARG B 45 17.12 44.05 6.69
CA ARG B 45 17.97 44.06 7.87
C ARG B 45 17.76 45.45 8.51
N SER B 46 18.08 45.61 9.80
CA SER B 46 17.93 46.89 10.53
C SER B 46 18.63 48.08 9.84
N ASP B 47 19.81 47.85 9.23
CA ASP B 47 20.56 48.88 8.49
C ASP B 47 19.88 49.29 7.16
N GLY B 48 19.13 48.37 6.56
CA GLY B 48 18.40 48.62 5.31
C GLY B 48 18.74 47.70 4.16
N ALA B 49 19.70 46.79 4.36
CA ALA B 49 20.13 45.80 3.37
C ALA B 49 19.00 44.78 3.15
N LEU B 50 18.80 44.36 1.89
CA LEU B 50 17.75 43.42 1.51
C LEU B 50 18.28 42.01 1.31
N LEU B 51 17.65 41.06 1.99
CA LEU B 51 17.95 39.63 1.88
C LEU B 51 16.89 39.04 0.97
N LEU B 52 17.33 38.29 -0.05
CA LEU B 52 16.45 37.65 -1.02
C LEU B 52 16.71 36.16 -1.07
N GLY B 53 15.62 35.40 -1.04
CA GLY B 53 15.63 33.95 -1.16
C GLY B 53 14.88 33.58 -2.42
N ALA B 54 15.47 32.71 -3.24
CA ALA B 54 14.89 32.29 -4.51
C ALA B 54 15.06 30.79 -4.76
N SER B 55 14.13 30.21 -5.55
CA SER B 55 14.17 28.80 -5.92
C SER B 55 13.89 28.65 -7.39
N SER B 56 14.39 27.59 -7.97
CA SER B 56 14.07 27.22 -9.33
C SER B 56 13.00 26.11 -9.16
N LEU B 57 11.72 26.45 -9.39
CA LEU B 57 10.61 25.49 -9.22
C LEU B 57 10.19 24.79 -10.53
N SER B 58 10.96 25.01 -11.60
CA SER B 58 10.75 24.43 -12.91
C SER B 58 12.07 24.36 -13.69
N GLY B 59 12.03 23.78 -14.89
CA GLY B 59 13.21 23.59 -15.71
C GLY B 59 14.07 22.46 -15.20
N ARG B 60 15.26 22.28 -15.79
CA ARG B 60 16.22 21.21 -15.50
C ARG B 60 16.67 21.11 -14.04
N CYS B 61 17.15 22.22 -13.45
CA CYS B 61 17.69 22.24 -12.09
CA CYS B 61 17.68 22.23 -12.09
C CYS B 61 16.74 22.86 -11.08
N TRP B 62 16.46 22.13 -10.00
CA TRP B 62 15.59 22.59 -8.91
C TRP B 62 16.47 22.89 -7.70
N ALA B 63 17.17 24.01 -7.77
CA ALA B 63 18.05 24.44 -6.69
C ALA B 63 17.55 25.79 -6.15
N GLY B 64 18.39 26.48 -5.41
CA GLY B 64 18.03 27.77 -4.82
C GLY B 64 19.20 28.70 -4.70
N SER B 65 18.93 29.93 -4.24
CA SER B 65 19.96 30.95 -4.07
C SER B 65 19.62 31.97 -2.99
N LEU B 66 20.65 32.50 -2.31
CA LEU B 66 20.55 33.54 -1.28
C LEU B 66 21.25 34.79 -1.78
N TRP B 67 20.60 35.96 -1.65
CA TRP B 67 21.13 37.23 -2.15
C TRP B 67 21.08 38.36 -1.14
N LEU B 68 22.11 39.22 -1.16
CA LEU B 68 22.19 40.42 -0.33
C LEU B 68 22.31 41.65 -1.22
N PHE B 69 21.40 42.60 -1.05
CA PHE B 69 21.34 43.85 -1.80
C PHE B 69 21.40 45.03 -0.83
N LYS B 70 22.57 45.70 -0.72
CA LYS B 70 22.70 46.89 0.13
C LYS B 70 21.86 48.04 -0.45
N ASP B 71 21.64 48.01 -1.79
CA ASP B 71 20.77 48.92 -2.54
C ASP B 71 19.52 48.10 -2.94
N PRO B 72 18.35 48.31 -2.28
CA PRO B 72 17.16 47.52 -2.63
C PRO B 72 16.57 47.77 -4.01
N CYS B 73 16.78 48.99 -4.57
CA CYS B 73 16.30 49.39 -5.90
C CYS B 73 16.96 48.61 -7.04
N ALA B 74 18.18 48.09 -6.81
CA ALA B 74 18.96 47.31 -7.75
C ALA B 74 18.38 45.89 -7.93
N ALA B 75 17.70 45.36 -6.90
CA ALA B 75 17.09 44.01 -6.89
C ALA B 75 16.00 43.88 -7.96
N PRO B 76 15.92 42.72 -8.68
CA PRO B 76 16.69 41.48 -8.53
C PRO B 76 17.88 41.32 -9.50
N ASN B 77 18.52 42.43 -9.94
CA ASN B 77 19.67 42.36 -10.86
C ASN B 77 20.94 41.80 -10.18
N GLU B 78 21.39 40.62 -10.64
CA GLU B 78 22.57 39.88 -10.17
C GLU B 78 23.88 40.67 -10.20
N GLY B 79 24.05 41.50 -11.22
CA GLY B 79 25.25 42.34 -11.39
C GLY B 79 25.32 43.53 -10.46
N PHE B 80 24.27 43.75 -9.66
CA PHE B 80 24.15 44.86 -8.72
C PHE B 80 23.94 44.39 -7.26
N CYS B 81 24.29 43.13 -6.95
CA CYS B 81 24.18 42.58 -5.61
C CYS B 81 25.47 42.75 -4.81
N SER B 82 25.34 42.78 -3.48
CA SER B 82 26.46 42.89 -2.54
C SER B 82 27.11 41.52 -2.34
N ALA B 83 26.27 40.46 -2.28
CA ALA B 83 26.68 39.05 -2.10
C ALA B 83 25.63 38.08 -2.66
N GLY B 84 26.07 36.88 -3.01
CA GLY B 84 25.23 35.82 -3.55
C GLY B 84 25.84 34.44 -3.42
N VAL B 85 24.99 33.42 -3.23
CA VAL B 85 25.42 32.02 -3.11
C VAL B 85 24.32 31.07 -3.61
N GLN B 86 24.74 29.88 -4.08
CA GLN B 86 23.84 28.82 -4.53
C GLN B 86 23.68 27.80 -3.42
N THR B 87 22.44 27.40 -3.17
CA THR B 87 22.13 26.36 -2.19
C THR B 87 21.93 25.06 -2.96
N GLU B 88 22.10 23.92 -2.28
CA GLU B 88 21.96 22.58 -2.84
C GLU B 88 20.55 22.34 -3.43
N ALA B 89 19.52 22.85 -2.73
CA ALA B 89 18.10 22.70 -3.06
C ALA B 89 17.37 24.03 -2.91
N GLY B 90 16.07 24.04 -3.21
CA GLY B 90 15.23 25.22 -3.13
C GLY B 90 15.11 25.78 -1.73
N VAL B 91 14.78 27.08 -1.66
CA VAL B 91 14.58 27.84 -0.43
C VAL B 91 13.06 27.92 -0.26
N ALA B 92 12.55 27.22 0.75
CA ALA B 92 11.11 27.26 1.05
C ALA B 92 10.80 28.41 1.99
N ASP B 93 11.79 28.81 2.80
CA ASP B 93 11.69 29.93 3.78
C ASP B 93 13.07 30.32 4.30
N LEU B 94 13.19 31.54 4.83
CA LEU B 94 14.42 32.04 5.44
C LEU B 94 14.15 33.13 6.47
N THR B 95 15.15 33.38 7.31
CA THR B 95 15.09 34.40 8.36
C THR B 95 16.49 34.89 8.72
N TRP B 96 16.58 36.16 9.13
CA TRP B 96 17.83 36.74 9.60
C TRP B 96 18.11 36.19 11.01
N VAL B 97 19.36 35.88 11.29
CA VAL B 97 19.82 35.44 12.61
C VAL B 97 20.81 36.53 13.03
N GLY B 98 20.26 37.62 13.54
CA GLY B 98 21.04 38.79 13.95
C GLY B 98 21.22 39.73 12.78
N GLU B 99 22.47 40.02 12.43
CA GLU B 99 22.81 40.93 11.33
C GLU B 99 23.59 40.25 10.22
N ARG B 100 24.26 39.13 10.53
CA ARG B 100 25.08 38.40 9.56
C ARG B 100 24.61 36.96 9.29
N GLY B 101 23.76 36.41 10.16
CA GLY B 101 23.25 35.05 10.02
C GLY B 101 22.00 34.96 9.17
N ILE B 102 21.90 33.87 8.37
CA ILE B 102 20.77 33.59 7.49
C ILE B 102 20.36 32.14 7.71
N LEU B 103 19.16 31.94 8.24
CA LEU B 103 18.65 30.59 8.50
C LEU B 103 17.63 30.21 7.42
N VAL B 104 17.88 29.08 6.75
CA VAL B 104 17.11 28.61 5.60
C VAL B 104 16.36 27.29 5.85
N ALA B 105 15.10 27.24 5.41
CA ALA B 105 14.25 26.04 5.41
C ALA B 105 14.40 25.48 3.97
N SER B 106 14.99 24.27 3.83
CA SER B 106 15.28 23.67 2.53
C SER B 106 14.35 22.50 2.14
N ASP B 107 14.17 22.32 0.82
CA ASP B 107 13.41 21.23 0.19
C ASP B 107 14.00 19.88 0.52
N SER B 108 15.32 19.83 0.80
CA SER B 108 16.08 18.62 1.13
C SER B 108 15.77 18.03 2.52
N GLY B 109 15.07 18.79 3.34
CA GLY B 109 14.77 18.37 4.71
C GLY B 109 15.77 18.97 5.68
N ALA B 110 16.74 19.73 5.15
CA ALA B 110 17.75 20.40 5.96
C ALA B 110 17.32 21.78 6.43
N VAL B 111 17.79 22.15 7.62
CA VAL B 111 17.71 23.49 8.17
C VAL B 111 19.17 23.94 8.03
N GLU B 112 19.40 25.06 7.34
CA GLU B 112 20.78 25.47 7.13
C GLU B 112 21.04 26.89 7.57
N LEU B 113 22.19 27.07 8.24
CA LEU B 113 22.62 28.37 8.69
C LEU B 113 23.78 28.80 7.82
N TRP B 114 23.61 29.98 7.24
CA TRP B 114 24.58 30.64 6.38
C TRP B 114 25.02 31.90 7.11
N GLU B 115 26.30 32.26 6.97
CA GLU B 115 26.83 33.44 7.64
C GLU B 115 27.53 34.36 6.66
N LEU B 116 27.18 35.65 6.73
CA LEU B 116 27.74 36.73 5.94
C LEU B 116 29.15 36.98 6.50
N ASP B 117 30.18 37.00 5.64
CA ASP B 117 31.58 37.19 6.06
C ASP B 117 31.89 38.63 6.56
N GLU B 118 33.12 38.84 7.07
CA GLU B 118 33.61 40.13 7.62
C GLU B 118 33.39 41.32 6.67
N ASN B 119 33.73 41.15 5.37
CA ASN B 119 33.56 42.20 4.36
C ASN B 119 32.15 42.25 3.77
N GLU B 120 31.28 41.28 4.15
CA GLU B 120 29.86 41.13 3.73
C GLU B 120 29.74 41.01 2.19
N THR B 121 30.69 40.31 1.56
CA THR B 121 30.75 40.10 0.11
C THR B 121 30.60 38.62 -0.25
N LEU B 122 30.63 37.74 0.76
CA LEU B 122 30.47 36.30 0.63
C LEU B 122 29.43 35.78 1.63
N ILE B 123 28.80 34.64 1.29
CA ILE B 123 27.81 33.95 2.11
C ILE B 123 28.34 32.53 2.25
N VAL B 124 28.82 32.18 3.45
CA VAL B 124 29.44 30.88 3.75
C VAL B 124 28.51 30.02 4.62
N SER B 125 28.48 28.70 4.39
CA SER B 125 27.66 27.80 5.18
C SER B 125 28.30 27.51 6.53
N LYS B 126 27.51 27.68 7.61
CA LYS B 126 27.93 27.37 8.98
C LYS B 126 27.53 25.92 9.31
N PHE B 127 26.26 25.55 9.04
CA PHE B 127 25.75 24.20 9.23
C PHE B 127 24.62 23.86 8.26
N CYS B 128 24.54 22.58 7.91
CA CYS B 128 23.51 22.00 7.07
C CYS B 128 23.17 20.68 7.73
N LYS B 129 22.11 20.68 8.55
CA LYS B 129 21.68 19.50 9.31
C LYS B 129 20.38 18.93 8.77
N TYR B 130 20.43 17.68 8.30
CA TYR B 130 19.28 16.95 7.73
C TYR B 130 18.58 16.19 8.85
N GLU B 131 17.62 16.86 9.50
CA GLU B 131 16.84 16.31 10.64
C GLU B 131 15.37 16.05 10.30
N HIS B 132 14.84 16.74 9.28
CA HIS B 132 13.48 16.55 8.81
C HIS B 132 13.43 15.49 7.71
N ASP B 133 12.32 14.74 7.66
CA ASP B 133 12.16 13.64 6.70
C ASP B 133 11.45 14.06 5.40
N ASP B 134 11.10 15.34 5.28
CA ASP B 134 10.46 15.92 4.11
C ASP B 134 10.83 17.41 4.07
N ILE B 135 10.35 18.16 3.06
CA ILE B 135 10.57 19.59 2.87
C ILE B 135 10.39 20.37 4.17
N VAL B 136 11.35 21.29 4.50
CA VAL B 136 11.24 22.18 5.66
C VAL B 136 10.49 23.38 5.09
N SER B 137 9.26 23.59 5.54
CA SER B 137 8.38 24.62 4.99
C SER B 137 8.45 25.98 5.67
N THR B 138 8.86 26.00 6.94
CA THR B 138 8.85 27.23 7.74
C THR B 138 9.95 27.21 8.81
N VAL B 139 10.54 28.39 9.09
CA VAL B 139 11.57 28.63 10.11
C VAL B 139 11.28 29.95 10.82
N SER B 140 11.56 30.03 12.13
CA SER B 140 11.32 31.24 12.92
C SER B 140 12.36 31.31 14.04
N VAL B 141 13.09 32.45 14.15
CA VAL B 141 14.11 32.61 15.20
C VAL B 141 13.41 33.03 16.51
N LEU B 142 13.75 32.36 17.61
CA LEU B 142 13.18 32.68 18.91
C LEU B 142 13.75 34.03 19.44
N SER B 143 12.98 34.76 20.28
CA SER B 143 13.29 36.12 20.80
C SER B 143 14.76 36.38 21.18
N SER B 144 15.42 35.43 21.88
CA SER B 144 16.82 35.55 22.29
C SER B 144 17.78 35.63 21.08
N GLY B 145 17.41 34.98 19.99
CA GLY B 145 18.20 34.95 18.76
C GLY B 145 19.22 33.83 18.76
N THR B 146 19.18 32.97 19.79
CA THR B 146 20.11 31.84 19.97
C THR B 146 19.45 30.52 19.58
N GLN B 147 18.13 30.53 19.43
CA GLN B 147 17.37 29.33 19.11
C GLN B 147 16.38 29.56 17.99
N ALA B 148 15.97 28.48 17.32
CA ALA B 148 14.99 28.60 16.24
C ALA B 148 14.04 27.43 16.18
N VAL B 149 12.86 27.68 15.60
CA VAL B 149 11.83 26.67 15.42
C VAL B 149 11.61 26.43 13.92
N SER B 150 11.60 25.15 13.51
CA SER B 150 11.33 24.72 12.13
C SER B 150 10.11 23.82 12.08
N GLY B 151 9.32 23.98 11.03
CA GLY B 151 8.14 23.17 10.73
C GLY B 151 8.34 22.46 9.41
N SER B 152 7.77 21.27 9.25
CA SER B 152 7.99 20.52 8.03
C SER B 152 6.75 19.78 7.50
N LYS B 153 6.85 19.27 6.26
CA LYS B 153 5.81 18.46 5.64
C LYS B 153 5.80 17.08 6.31
N ASP B 154 6.90 16.73 7.02
CA ASP B 154 7.06 15.49 7.79
C ASP B 154 6.23 15.52 9.08
N ILE B 155 5.45 16.62 9.28
CA ILE B 155 4.48 16.85 10.36
C ILE B 155 5.17 17.27 11.71
N CYS B 156 6.51 17.17 11.80
CA CYS B 156 7.23 17.50 13.02
C CYS B 156 7.63 18.97 13.12
N ILE B 157 7.82 19.41 14.37
CA ILE B 157 8.26 20.76 14.74
C ILE B 157 9.50 20.55 15.59
N LYS B 158 10.60 21.19 15.22
CA LYS B 158 11.84 21.02 15.95
C LYS B 158 12.36 22.34 16.50
N VAL B 159 12.94 22.29 17.71
CA VAL B 159 13.54 23.44 18.40
C VAL B 159 15.06 23.23 18.33
N TRP B 160 15.75 24.18 17.72
CA TRP B 160 17.18 24.13 17.45
C TRP B 160 18.03 25.01 18.37
N ASP B 161 19.24 24.55 18.69
CA ASP B 161 20.23 25.36 19.41
C ASP B 161 21.23 25.74 18.31
N LEU B 162 21.22 27.02 17.90
CA LEU B 162 22.03 27.52 16.78
C LEU B 162 23.56 27.40 17.00
N ALA B 163 24.07 27.67 18.24
CA ALA B 163 25.50 27.57 18.55
C ALA B 163 25.98 26.11 18.55
N GLN B 164 25.22 25.20 19.18
CA GLN B 164 25.55 23.78 19.25
C GLN B 164 25.28 23.06 17.92
N GLN B 165 24.47 23.68 17.03
CA GLN B 165 24.07 23.15 15.71
C GLN B 165 23.33 21.80 15.85
N VAL B 166 22.45 21.69 16.88
CA VAL B 166 21.68 20.47 17.16
C VAL B 166 20.19 20.75 17.47
N VAL B 167 19.38 19.68 17.45
CA VAL B 167 17.94 19.73 17.76
C VAL B 167 17.80 19.45 19.26
N LEU B 168 17.19 20.38 19.99
CA LEU B 168 16.94 20.30 21.42
C LEU B 168 15.71 19.46 21.72
N SER B 169 14.62 19.67 20.95
CA SER B 169 13.36 18.95 21.11
C SER B 169 12.66 18.71 19.78
N SER B 170 12.03 17.54 19.65
CA SER B 170 11.29 17.16 18.45
C SER B 170 9.85 16.89 18.86
N TYR B 171 8.92 17.67 18.29
CA TYR B 171 7.50 17.59 18.60
C TYR B 171 6.62 17.14 17.41
N ARG B 172 5.81 16.08 17.63
CA ARG B 172 4.84 15.55 16.68
C ARG B 172 3.46 15.81 17.29
N ALA B 173 3.02 17.06 17.23
CA ALA B 173 1.73 17.46 17.81
C ALA B 173 0.64 17.50 16.75
N HIS B 174 1.02 17.90 15.53
CA HIS B 174 0.12 18.00 14.39
C HIS B 174 -0.15 16.63 13.79
N ALA B 175 -1.17 16.55 12.94
CA ALA B 175 -1.59 15.33 12.26
C ALA B 175 -1.47 15.45 10.73
N ALA B 176 -0.97 16.61 10.26
CA ALA B 176 -0.75 16.90 8.84
C ALA B 176 0.39 17.92 8.73
N GLN B 177 0.85 18.22 7.49
CA GLN B 177 1.98 19.13 7.26
C GLN B 177 1.89 20.45 8.00
N VAL B 178 3.02 20.89 8.57
CA VAL B 178 3.09 22.17 9.29
C VAL B 178 3.22 23.25 8.22
N THR B 179 2.26 24.18 8.20
CA THR B 179 2.18 25.27 7.24
C THR B 179 2.99 26.49 7.70
N CYS B 180 2.87 26.85 8.99
CA CYS B 180 3.53 28.04 9.54
C CYS B 180 3.93 27.88 11.00
N VAL B 181 5.15 28.36 11.34
CA VAL B 181 5.70 28.46 12.69
C VAL B 181 6.09 29.93 12.92
N ALA B 182 5.65 30.52 14.04
CA ALA B 182 5.95 31.91 14.34
C ALA B 182 6.36 32.09 15.81
N ALA B 183 7.64 32.44 16.05
CA ALA B 183 8.18 32.69 17.38
C ALA B 183 7.58 33.97 17.94
N SER B 184 7.22 33.98 19.25
CA SER B 184 6.69 35.21 19.86
C SER B 184 7.78 36.29 19.83
N PRO B 185 7.42 37.58 19.68
CA PRO B 185 8.47 38.62 19.62
C PRO B 185 9.36 38.71 20.86
N HIS B 186 8.81 38.46 22.06
CA HIS B 186 9.56 38.68 23.29
C HIS B 186 9.72 37.50 24.25
N LYS B 187 9.08 36.33 24.00
CA LYS B 187 9.20 35.17 24.90
C LYS B 187 9.84 33.98 24.19
N ASP B 188 11.07 33.62 24.61
CA ASP B 188 11.86 32.54 24.02
C ASP B 188 11.25 31.14 24.10
N SER B 189 10.29 30.92 25.00
CA SER B 189 9.68 29.61 25.17
C SER B 189 8.28 29.54 24.51
N VAL B 190 7.81 30.65 23.93
CA VAL B 190 6.48 30.79 23.34
C VAL B 190 6.53 30.99 21.82
N PHE B 191 5.76 30.14 21.10
CA PHE B 191 5.61 30.23 19.65
C PHE B 191 4.25 29.70 19.21
N LEU B 192 3.87 30.00 17.96
CA LEU B 192 2.64 29.53 17.34
C LEU B 192 2.96 28.60 16.17
N SER B 193 2.03 27.69 15.89
CA SER B 193 2.12 26.81 14.74
C SER B 193 0.74 26.55 14.18
N CYS B 194 0.65 26.38 12.86
CA CYS B 194 -0.59 26.03 12.20
C CYS B 194 -0.34 24.95 11.16
N SER B 195 -1.36 24.15 10.88
CA SER B 195 -1.21 23.01 10.00
C SER B 195 -2.45 22.66 9.20
N GLU B 196 -2.29 21.73 8.24
CA GLU B 196 -3.36 21.21 7.40
C GLU B 196 -4.32 20.31 8.20
N ASP B 197 -3.98 19.98 9.47
CA ASP B 197 -4.85 19.23 10.39
C ASP B 197 -5.92 20.18 11.00
N ASN B 198 -5.96 21.45 10.53
CA ASN B 198 -6.89 22.52 10.93
C ASN B 198 -6.66 23.04 12.38
N ARG B 199 -5.48 22.75 12.98
CA ARG B 199 -5.14 23.23 14.31
C ARG B 199 -4.24 24.47 14.26
N ILE B 200 -4.49 25.40 15.19
CA ILE B 200 -3.62 26.53 15.49
C ILE B 200 -3.16 26.22 16.92
N LEU B 201 -1.86 25.92 17.08
CA LEU B 201 -1.30 25.59 18.38
C LEU B 201 -0.46 26.72 18.95
N LEU B 202 -0.70 27.02 20.25
CA LEU B 202 0.04 27.99 21.05
C LEU B 202 0.97 27.17 21.92
N TRP B 203 2.27 27.37 21.72
CA TRP B 203 3.30 26.60 22.40
C TRP B 203 3.97 27.37 23.54
N ASP B 204 4.29 26.64 24.63
CA ASP B 204 5.06 27.11 25.78
C ASP B 204 5.85 25.90 26.24
N THR B 205 7.15 25.89 25.88
CA THR B 205 8.06 24.77 26.15
C THR B 205 8.40 24.57 27.63
N ARG B 206 7.83 25.39 28.54
CA ARG B 206 8.01 25.24 29.99
C ARG B 206 6.97 24.29 30.61
N CYS B 207 6.02 23.79 29.80
CA CYS B 207 4.95 22.86 30.22
C CYS B 207 5.25 21.40 29.81
N PRO B 208 4.79 20.39 30.60
CA PRO B 208 5.00 18.98 30.20
C PRO B 208 4.28 18.63 28.91
N LYS B 209 3.09 19.24 28.67
CA LYS B 209 2.31 19.15 27.43
C LYS B 209 2.41 20.57 26.84
N PRO B 210 3.46 20.84 26.02
CA PRO B 210 3.73 22.22 25.56
C PRO B 210 2.70 22.91 24.69
N ALA B 211 1.85 22.17 23.99
CA ALA B 211 0.91 22.82 23.06
C ALA B 211 -0.49 22.99 23.62
N SER B 212 -1.18 24.01 23.12
CA SER B 212 -2.56 24.31 23.47
C SER B 212 -3.27 24.71 22.19
N GLN B 213 -4.41 24.06 21.90
CA GLN B 213 -5.23 24.35 20.72
C GLN B 213 -6.01 25.62 20.99
N ILE B 214 -5.82 26.66 20.14
CA ILE B 214 -6.46 27.98 20.31
C ILE B 214 -7.38 28.30 19.13
N ALA B 218 -14.98 25.30 16.93
CA ALA B 218 -15.63 24.80 15.73
C ALA B 218 -14.67 24.77 14.51
N PRO B 219 -14.54 23.62 13.81
CA PRO B 219 -13.63 23.55 12.65
C PRO B 219 -14.18 24.22 11.38
N GLY B 220 -13.31 24.92 10.67
CA GLY B 220 -13.62 25.62 9.43
C GLY B 220 -12.50 25.53 8.40
N TYR B 221 -12.19 26.67 7.76
CA TYR B 221 -11.14 26.77 6.73
C TYR B 221 -9.74 26.69 7.32
N LEU B 222 -8.85 25.95 6.64
CA LEU B 222 -7.47 25.69 7.07
C LEU B 222 -6.64 26.96 7.32
N PRO B 223 -5.90 27.02 8.45
CA PRO B 223 -5.03 28.19 8.70
C PRO B 223 -3.77 28.09 7.86
N THR B 224 -3.37 29.19 7.19
CA THR B 224 -2.19 29.15 6.31
C THR B 224 -1.04 30.11 6.67
N SER B 225 -1.33 31.17 7.45
CA SER B 225 -0.31 32.17 7.83
C SER B 225 -0.56 32.70 9.23
N LEU B 226 0.53 32.98 9.97
CA LEU B 226 0.48 33.48 11.35
C LEU B 226 1.40 34.68 11.57
N ALA B 227 0.93 35.68 12.33
CA ALA B 227 1.75 36.84 12.70
C ALA B 227 1.36 37.39 14.09
N TRP B 228 2.33 37.41 15.01
CA TRP B 228 2.18 37.96 16.36
C TRP B 228 2.08 39.48 16.27
N HIS B 229 1.21 40.10 17.07
CA HIS B 229 1.10 41.56 17.08
C HIS B 229 2.40 42.11 17.71
N PRO B 230 3.06 43.12 17.08
CA PRO B 230 4.36 43.58 17.61
C PRO B 230 4.34 44.25 18.99
N GLN B 231 3.19 44.78 19.45
CA GLN B 231 3.12 45.42 20.79
C GLN B 231 2.28 44.68 21.81
N GLN B 232 1.11 44.18 21.40
CA GLN B 232 0.19 43.43 22.26
C GLN B 232 0.68 41.97 22.31
N SER B 233 1.52 41.66 23.32
CA SER B 233 2.20 40.38 23.56
C SER B 233 1.30 39.12 23.54
N GLU B 234 -0.02 39.27 23.74
CA GLU B 234 -0.96 38.16 23.74
C GLU B 234 -1.86 38.11 22.49
N VAL B 235 -1.67 39.08 21.56
CA VAL B 235 -2.45 39.21 20.33
C VAL B 235 -1.67 38.70 19.09
N PHE B 236 -2.40 38.02 18.18
CA PHE B 236 -1.88 37.51 16.92
C PHE B 236 -2.94 37.54 15.83
N VAL B 237 -2.51 37.43 14.56
CA VAL B 237 -3.38 37.36 13.41
C VAL B 237 -3.12 36.07 12.63
N PHE B 238 -4.16 35.55 11.97
CA PHE B 238 -4.04 34.35 11.14
C PHE B 238 -4.85 34.50 9.85
N GLY B 239 -4.27 34.00 8.78
CA GLY B 239 -4.88 33.98 7.47
C GLY B 239 -5.31 32.55 7.15
N ASP B 240 -6.35 32.41 6.31
CA ASP B 240 -6.80 31.06 5.96
C ASP B 240 -6.77 30.82 4.44
N GLU B 241 -6.96 29.56 4.05
CA GLU B 241 -6.99 29.09 2.66
C GLU B 241 -8.11 29.75 1.84
N ASN B 242 -9.16 30.30 2.50
CA ASN B 242 -10.28 30.95 1.85
C ASN B 242 -10.11 32.48 1.66
N GLY B 243 -8.93 33.00 2.00
CA GLY B 243 -8.62 34.42 1.85
C GLY B 243 -9.05 35.35 2.97
N THR B 244 -9.45 34.78 4.11
CA THR B 244 -9.90 35.53 5.28
C THR B 244 -8.74 35.76 6.26
N VAL B 245 -8.68 36.97 6.84
CA VAL B 245 -7.68 37.36 7.85
C VAL B 245 -8.46 37.55 9.16
N SER B 246 -7.97 36.95 10.27
CA SER B 246 -8.64 37.02 11.56
C SER B 246 -7.70 37.48 12.68
N LEU B 247 -8.22 38.29 13.62
CA LEU B 247 -7.51 38.82 14.79
C LEU B 247 -7.92 38.01 16.04
N VAL B 248 -6.92 37.45 16.76
CA VAL B 248 -7.13 36.59 17.94
C VAL B 248 -6.32 37.08 19.17
N ASP B 249 -6.94 36.98 20.36
CA ASP B 249 -6.32 37.26 21.66
C ASP B 249 -6.24 35.91 22.38
N THR B 250 -5.00 35.40 22.58
CA THR B 250 -4.67 34.10 23.19
C THR B 250 -5.36 33.82 24.53
N LYS B 251 -5.48 34.86 25.40
CA LYS B 251 -6.12 34.75 26.71
C LYS B 251 -7.63 34.55 26.61
N SER B 252 -8.29 35.29 25.70
CA SER B 252 -9.73 35.22 25.47
C SER B 252 -10.14 34.01 24.63
N THR B 253 -9.27 33.58 23.67
CA THR B 253 -9.44 32.45 22.74
C THR B 253 -10.76 32.64 21.93
N SER B 254 -10.85 33.76 21.18
CA SER B 254 -12.00 34.13 20.34
C SER B 254 -11.58 35.06 19.20
N CYS B 255 -11.93 34.69 17.94
CA CYS B 255 -11.62 35.49 16.75
C CYS B 255 -12.86 36.29 16.30
N VAL B 256 -13.27 37.23 17.18
CA VAL B 256 -14.42 38.11 16.98
C VAL B 256 -14.20 39.12 15.82
N LEU B 257 -12.92 39.41 15.48
CA LEU B 257 -12.59 40.32 14.37
C LEU B 257 -11.99 39.57 13.19
N SER B 258 -12.69 39.60 12.03
CA SER B 258 -12.26 38.94 10.79
C SER B 258 -12.71 39.71 9.56
N SER B 259 -12.02 39.53 8.42
CA SER B 259 -12.34 40.19 7.16
C SER B 259 -11.98 39.35 5.94
N ALA B 260 -12.86 39.37 4.93
CA ALA B 260 -12.65 38.69 3.65
C ALA B 260 -11.79 39.63 2.81
N VAL B 261 -10.46 39.50 2.95
CA VAL B 261 -9.46 40.34 2.29
C VAL B 261 -9.11 39.85 0.88
N HIS B 262 -8.83 38.54 0.74
CA HIS B 262 -8.40 37.95 -0.52
C HIS B 262 -9.39 36.95 -1.11
N SER B 263 -9.32 36.76 -2.45
CA SER B 263 -10.18 35.81 -3.14
C SER B 263 -9.56 34.41 -3.09
N GLN B 264 -8.29 34.31 -2.62
CA GLN B 264 -7.54 33.07 -2.47
C GLN B 264 -6.70 33.04 -1.20
N CYS B 265 -6.03 31.90 -0.92
CA CYS B 265 -5.16 31.61 0.22
C CYS B 265 -4.30 32.80 0.68
N VAL B 266 -4.34 33.11 2.01
CA VAL B 266 -3.50 34.17 2.59
C VAL B 266 -2.15 33.52 2.86
N THR B 267 -1.16 33.86 2.04
CA THR B 267 0.20 33.30 2.08
C THR B 267 1.03 33.86 3.23
N GLY B 268 0.97 35.17 3.44
CA GLY B 268 1.74 35.82 4.49
C GLY B 268 1.07 37.01 5.11
N LEU B 269 1.48 37.31 6.35
CA LEU B 269 0.96 38.42 7.15
C LEU B 269 2.16 39.07 7.82
N VAL B 270 2.39 40.37 7.51
CA VAL B 270 3.55 41.11 8.04
C VAL B 270 3.13 42.46 8.62
N PHE B 271 3.40 42.66 9.93
CA PHE B 271 3.10 43.92 10.59
C PHE B 271 4.17 44.96 10.27
N SER B 272 3.75 46.23 10.09
CA SER B 272 4.61 47.38 9.80
C SER B 272 5.43 47.80 11.06
N PRO B 273 6.55 48.56 10.93
CA PRO B 273 7.36 48.91 12.12
C PRO B 273 6.85 50.10 12.95
N HIS B 274 5.69 50.70 12.56
CA HIS B 274 5.06 51.85 13.22
C HIS B 274 4.60 51.55 14.65
N SER B 275 4.44 52.63 15.47
CA SER B 275 3.95 52.56 16.86
C SER B 275 2.53 51.97 16.85
N VAL B 276 1.69 52.41 15.88
CA VAL B 276 0.35 51.90 15.62
C VAL B 276 0.55 51.15 14.28
N PRO B 277 0.82 49.82 14.31
CA PRO B 277 1.18 49.13 13.07
C PRO B 277 0.05 48.86 12.08
N PHE B 278 0.46 48.80 10.81
CA PHE B 278 -0.35 48.45 9.65
C PHE B 278 -0.05 46.98 9.39
N LEU B 279 -0.97 46.27 8.73
CA LEU B 279 -0.78 44.86 8.47
C LEU B 279 -0.82 44.54 6.98
N ALA B 280 0.30 44.04 6.45
CA ALA B 280 0.39 43.64 5.05
C ALA B 280 -0.05 42.17 4.92
N SER B 281 -0.95 41.88 3.97
CA SER B 281 -1.44 40.53 3.68
C SER B 281 -1.21 40.21 2.20
N LEU B 282 -0.47 39.13 1.94
CA LEU B 282 -0.11 38.68 0.60
C LEU B 282 -0.78 37.35 0.28
N SER B 283 -1.22 37.21 -0.98
CA SER B 283 -2.02 36.07 -1.40
C SER B 283 -1.62 35.43 -2.73
N GLU B 284 -2.22 34.26 -3.00
CA GLU B 284 -2.10 33.50 -4.25
C GLU B 284 -2.96 34.16 -5.33
N ASP B 285 -3.87 35.10 -4.94
CA ASP B 285 -4.67 35.87 -5.89
C ASP B 285 -3.81 36.98 -6.56
N CYS B 286 -2.48 36.94 -6.29
CA CYS B 286 -1.43 37.81 -6.83
C CYS B 286 -1.49 39.26 -6.31
N SER B 287 -2.28 39.53 -5.27
CA SER B 287 -2.36 40.87 -4.70
C SER B 287 -1.73 41.00 -3.32
N LEU B 288 -1.49 42.26 -2.93
CA LEU B 288 -0.98 42.69 -1.65
C LEU B 288 -2.04 43.66 -1.13
N ALA B 289 -2.37 43.55 0.15
CA ALA B 289 -3.32 44.44 0.81
C ALA B 289 -2.72 44.93 2.11
N VAL B 290 -2.97 46.21 2.44
CA VAL B 290 -2.52 46.81 3.70
C VAL B 290 -3.76 47.16 4.50
N LEU B 291 -3.86 46.59 5.71
CA LEU B 291 -5.00 46.75 6.61
C LEU B 291 -4.64 47.47 7.89
N ASP B 292 -5.64 48.09 8.53
CA ASP B 292 -5.48 48.80 9.81
C ASP B 292 -5.82 47.88 11.00
N SER B 293 -5.97 48.47 12.22
CA SER B 293 -6.30 47.80 13.48
C SER B 293 -7.65 47.07 13.46
N SER B 294 -8.62 47.57 12.68
CA SER B 294 -9.96 46.99 12.56
C SER B 294 -10.10 46.09 11.31
N LEU B 295 -8.95 45.76 10.67
CA LEU B 295 -8.78 44.94 9.47
C LEU B 295 -9.42 45.56 8.20
N SER B 296 -9.59 46.90 8.19
CA SER B 296 -10.11 47.63 7.04
C SER B 296 -8.97 47.96 6.08
N GLU B 297 -9.23 47.86 4.77
CA GLU B 297 -8.23 48.08 3.71
C GLU B 297 -7.86 49.56 3.53
N LEU B 298 -6.56 49.84 3.48
CA LEU B 298 -6.00 51.18 3.26
C LEU B 298 -5.31 51.25 1.91
N PHE B 299 -4.71 50.13 1.47
CA PHE B 299 -3.97 50.01 0.22
C PHE B 299 -4.17 48.62 -0.41
N ARG B 300 -4.19 48.57 -1.75
CA ARG B 300 -4.31 47.36 -2.54
C ARG B 300 -3.40 47.48 -3.75
N SER B 301 -2.51 46.49 -3.95
CA SER B 301 -1.59 46.47 -5.07
C SER B 301 -1.70 45.18 -5.89
N GLN B 302 -1.84 45.33 -7.21
CA GLN B 302 -1.93 44.24 -8.18
C GLN B 302 -0.72 44.25 -9.12
N ALA B 303 0.43 44.85 -8.68
CA ALA B 303 1.67 44.96 -9.44
C ALA B 303 2.21 43.60 -9.91
N HIS B 304 2.08 42.57 -9.05
CA HIS B 304 2.55 41.23 -9.37
C HIS B 304 1.64 40.50 -10.35
N ARG B 305 2.24 39.76 -11.28
CA ARG B 305 1.53 38.98 -12.29
C ARG B 305 1.54 37.46 -11.95
N ASP B 306 2.06 37.11 -10.76
CA ASP B 306 2.12 35.76 -10.20
C ASP B 306 2.06 35.86 -8.65
N PHE B 307 1.99 34.72 -7.95
CA PHE B 307 1.89 34.62 -6.50
C PHE B 307 2.86 35.54 -5.73
N VAL B 308 2.33 36.39 -4.84
CA VAL B 308 3.12 37.29 -3.99
C VAL B 308 3.58 36.41 -2.83
N ARG B 309 4.90 36.24 -2.68
CA ARG B 309 5.46 35.31 -1.71
C ARG B 309 5.95 35.88 -0.37
N ASP B 310 6.39 37.14 -0.35
CA ASP B 310 6.86 37.78 0.88
C ASP B 310 6.72 39.29 0.83
N ALA B 311 6.69 39.92 2.01
CA ALA B 311 6.63 41.38 2.16
C ALA B 311 7.51 41.78 3.33
N THR B 312 8.32 42.83 3.12
CA THR B 312 9.22 43.35 4.15
C THR B 312 9.15 44.87 4.17
N TRP B 313 8.88 45.44 5.35
CA TRP B 313 8.78 46.89 5.54
C TRP B 313 10.17 47.46 5.76
N SER B 314 10.47 48.63 5.15
CA SER B 314 11.79 49.26 5.29
C SER B 314 11.99 49.83 6.68
N PRO B 315 13.14 49.53 7.35
CA PRO B 315 13.39 50.11 8.68
C PRO B 315 13.79 51.59 8.60
N LEU B 316 14.33 52.02 7.44
CA LEU B 316 14.76 53.39 7.15
C LEU B 316 13.55 54.27 6.83
N ASN B 317 12.66 53.82 5.92
CA ASN B 317 11.44 54.53 5.55
C ASN B 317 10.25 53.63 5.82
N HIS B 318 9.54 53.89 6.93
CA HIS B 318 8.39 53.13 7.39
C HIS B 318 7.19 53.11 6.43
N SER B 319 7.12 54.07 5.48
CA SER B 319 6.06 54.14 4.47
C SER B 319 6.31 53.16 3.30
N LEU B 320 7.55 52.66 3.18
CA LEU B 320 7.96 51.76 2.11
C LEU B 320 7.83 50.27 2.47
N LEU B 321 7.10 49.54 1.62
CA LEU B 321 6.86 48.10 1.76
C LEU B 321 7.31 47.41 0.47
N THR B 322 8.27 46.49 0.59
CA THR B 322 8.83 45.73 -0.54
C THR B 322 8.22 44.33 -0.62
N THR B 323 7.73 43.92 -1.81
CA THR B 323 7.18 42.57 -2.03
C THR B 323 7.91 41.83 -3.14
N VAL B 324 8.01 40.50 -2.99
CA VAL B 324 8.59 39.60 -4.00
C VAL B 324 7.55 38.58 -4.45
N GLY B 325 7.65 38.15 -5.71
CA GLY B 325 6.73 37.18 -6.29
C GLY B 325 7.37 36.16 -7.21
N TRP B 326 6.58 35.16 -7.62
CA TRP B 326 7.05 34.10 -8.53
C TRP B 326 7.26 34.62 -9.96
N ASP B 327 6.80 35.85 -10.23
CA ASP B 327 6.95 36.57 -11.50
C ASP B 327 8.33 37.28 -11.58
N HIS B 328 9.26 36.98 -10.62
CA HIS B 328 10.62 37.53 -10.50
C HIS B 328 10.64 39.07 -10.29
N GLN B 329 9.53 39.62 -9.78
CA GLN B 329 9.38 41.04 -9.51
C GLN B 329 9.66 41.38 -8.04
N VAL B 330 10.45 42.45 -7.83
CA VAL B 330 10.76 43.03 -6.52
C VAL B 330 10.09 44.40 -6.63
N VAL B 331 8.90 44.56 -6.02
CA VAL B 331 8.12 45.79 -6.11
C VAL B 331 8.24 46.61 -4.81
N HIS B 332 8.51 47.92 -4.96
CA HIS B 332 8.64 48.86 -3.86
C HIS B 332 7.37 49.70 -3.79
N HIS B 333 6.55 49.47 -2.75
CA HIS B 333 5.27 50.15 -2.55
C HIS B 333 5.36 51.32 -1.57
N VAL B 334 4.62 52.40 -1.89
CA VAL B 334 4.50 53.60 -1.06
C VAL B 334 3.11 53.53 -0.45
N VAL B 335 3.03 53.13 0.83
CA VAL B 335 1.78 52.96 1.56
C VAL B 335 1.33 54.29 2.15
N PRO B 336 0.09 54.77 1.88
CA PRO B 336 -0.34 56.05 2.45
C PRO B 336 -0.84 55.89 3.90
N SFG C . -3.69 -43.49 -10.73
CA SFG C . -2.98 -42.28 -11.17
C SFG C . -2.24 -41.61 -10.01
O SFG C . -2.47 -41.86 -8.83
OXT SFG C . -1.37 -40.75 -10.42
CB SFG C . -3.97 -41.26 -11.83
CG SFG C . -5.13 -40.90 -10.89
CD SFG C . -6.12 -39.90 -11.49
NE SFG C . -6.41 -38.86 -10.50
C5' SFG C . -7.43 -40.54 -11.93
C4' SFG C . -7.32 -41.51 -13.08
O4' SFG C . -8.53 -42.30 -13.15
C3' SFG C . -7.14 -40.88 -14.47
O3' SFG C . -6.15 -41.55 -15.23
C2' SFG C . -8.53 -40.99 -15.09
O2' SFG C . -8.54 -41.10 -16.51
C1' SFG C . -9.02 -42.29 -14.47
N9 SFG C . -10.48 -42.40 -14.41
C8 SFG C . -11.35 -41.44 -13.95
N7 SFG C . -12.60 -41.81 -13.99
C5 SFG C . -12.56 -43.09 -14.50
C6 SFG C . -13.57 -44.03 -14.77
N6 SFG C . -14.86 -43.82 -14.53
N1 SFG C . -13.20 -45.23 -15.27
C2 SFG C . -11.89 -45.46 -15.47
N3 SFG C . -10.85 -44.65 -15.25
C4 SFG C . -11.26 -43.47 -14.76
HN1 SFG C . -4.40 -43.81 -11.39
HN2 SFG C . -4.12 -43.37 -9.81
HA SFG C . -2.26 -42.60 -11.91
HXT SFG C . -0.89 -40.31 -9.67
HB1 SFG C . -4.32 -41.67 -12.77
HB2 SFG C . -3.43 -40.35 -12.09
HG1 SFG C . -5.66 -41.79 -10.57
HG2 SFG C . -4.74 -40.50 -9.95
HD SFG C . -5.67 -39.46 -12.39
HNE1 SFG C . -5.84 -38.02 -10.52
HNE2 SFG C . -6.68 -39.17 -9.57
H5'1 SFG C . -8.15 -39.76 -12.20
H5'2 SFG C . -7.91 -41.04 -11.09
H4' SFG C . -6.56 -42.27 -12.87
H3' SFG C . -6.87 -39.83 -14.37
HO3' SFG C . -5.32 -41.56 -14.69
H2' SFG C . -9.14 -40.11 -14.92
HO2' SFG C . -7.62 -41.32 -16.84
H1' SFG C . -8.64 -43.18 -14.97
H8 SFG C . -11.02 -40.47 -13.59
HN61 SFG C . -15.56 -44.53 -14.75
HN62 SFG C . -15.20 -42.95 -14.13
H2 SFG C . -11.64 -46.46 -15.83
C1 A1BLG D . -6.76 -31.40 -9.42
C2 A1BLG D . -5.02 -29.82 -8.72
C3 A1BLG D . -3.80 -29.06 -9.13
C4 A1BLG D . -3.82 -28.35 -10.33
C5 A1BLG D . -2.66 -27.78 -10.78
C6 A1BLG D . -1.47 -28.54 -8.98
C7 A1BLG D . 0.98 -28.07 -8.90
N1 A1BLG D . -1.48 -27.87 -10.14
N2 A1BLG D . -0.25 -28.62 -8.34
N3 A1BLG D . -5.02 -34.57 -8.23
C8 A1BLG D . 1.75 -28.95 -9.91
O1 A1BLG D . -5.45 -29.75 -7.57
C11 A1BLG D . -2.60 -29.14 -8.42
C10 A1BLG D . 2.23 -28.07 -8.00
C9 A1BLG D . 3.05 -28.46 -9.25
N A1BLG D . -5.61 -30.55 -9.67
C A1BLG D . -6.42 -32.63 -8.58
O A1BLG D . -7.59 -33.40 -8.37
C12 A1BLG D . -5.29 -33.48 -9.18
C20 A1BLG D . -3.86 -35.37 -8.62
C19 A1BLG D . -3.95 -35.88 -10.04
C14 A1BLG D . -4.73 -35.21 -10.99
C13 A1BLG D . -5.64 -34.07 -10.56
C18 A1BLG D . -3.18 -36.97 -10.45
C17 A1BLG D . -3.15 -37.37 -11.77
C16 A1BLG D . -3.89 -36.69 -12.71
C15 A1BLG D . -4.68 -35.62 -12.32
H4 A1BLG D . -7.52 -30.81 -8.91
H3 A1BLG D . -7.23 -31.71 -10.35
H6 A1BLG D . -4.74 -28.26 -10.91
H7 A1BLG D . -2.60 -27.24 -11.73
H9 A1BLG D . 0.79 -27.08 -9.31
H8 A1BLG D . -0.20 -29.07 -7.43
H25 A1BLG D . -5.83 -35.16 -8.10
H11 A1BLG D . 1.62 -28.66 -10.95
H10 A1BLG D . 1.57 -30.03 -9.87
H16 A1BLG D . -2.59 -29.64 -7.46
H14 A1BLG D . 2.22 -28.79 -7.19
H15 A1BLG D . 2.49 -27.10 -7.55
H13 A1BLG D . 3.80 -29.23 -9.09
H12 A1BLG D . 3.55 -27.64 -9.76
H5 A1BLG D . -5.26 -30.58 -10.63
H A1BLG D . -6.08 -32.26 -7.62
H2 A1BLG D . -8.19 -32.81 -7.83
H1 A1BLG D . -4.39 -32.89 -9.30
H23 A1BLG D . -3.75 -36.19 -7.93
H24 A1BLG D . -2.95 -34.78 -8.52
H17 A1BLG D . -5.57 -33.30 -11.33
H18 A1BLG D . -6.67 -34.40 -10.59
H22 A1BLG D . -2.61 -37.53 -9.70
H21 A1BLG D . -2.53 -38.22 -12.07
H20 A1BLG D . -3.81 -36.96 -13.75
H19 A1BLG D . -5.28 -35.09 -13.07
C1 EDO E . -6.78 -48.93 -26.00
O1 EDO E . -8.13 -48.50 -25.90
C2 EDO E . -5.92 -47.74 -26.45
O2 EDO E . -4.65 -47.72 -25.82
H11 EDO E . -6.42 -49.40 -25.10
H12 EDO E . -6.83 -49.69 -26.78
HO1 EDO E . -8.51 -48.46 -26.82
H21 EDO E . -5.71 -47.83 -27.52
H22 EDO E . -6.46 -46.81 -26.33
HO2 EDO E . -3.98 -48.00 -26.50
C1 EDO F . 1.93 3.03 10.24
O1 EDO F . 1.06 4.11 10.12
C2 EDO F . 1.91 2.41 11.68
O2 EDO F . 2.77 1.28 11.78
H11 EDO F . 1.77 2.26 9.50
H12 EDO F . 2.88 3.51 9.99
HO1 EDO F . 1.48 4.89 10.59
H21 EDO F . 2.26 3.10 12.43
H22 EDO F . 0.90 2.11 11.94
HO2 EDO F . 3.01 1.17 12.73
C1 EDO G . -16.57 -2.76 5.61
O1 EDO G . -17.04 -3.56 4.54
C2 EDO G . -16.18 -3.65 6.83
O2 EDO G . -15.44 -4.77 6.38
H11 EDO G . -15.75 -2.12 5.31
H12 EDO G . -17.41 -2.11 5.87
HO1 EDO G . -17.52 -2.94 3.91
H21 EDO G . -15.49 -3.13 7.48
H22 EDO G . -17.04 -3.92 7.44
HO2 EDO G . -15.28 -5.35 7.18
C1 EDO H . 2.41 -33.28 -22.94
O1 EDO H . 1.20 -33.82 -22.49
C2 EDO H . 3.46 -34.43 -23.05
O2 EDO H . 4.67 -33.99 -23.64
H11 EDO H . 2.30 -32.73 -23.87
H12 EDO H . 2.66 -32.53 -22.19
HO1 EDO H . 0.89 -34.45 -23.19
H21 EDO H . 3.73 -34.77 -22.06
H22 EDO H . 3.05 -35.28 -23.57
HO2 EDO H . 5.17 -34.81 -23.90
C1 EDO I . -10.11 -3.55 -14.18
O1 EDO I . -11.46 -3.34 -13.86
C2 EDO I . -9.51 -2.34 -14.98
O2 EDO I . -9.86 -1.08 -14.41
H11 EDO I . -9.52 -3.79 -13.31
H12 EDO I . -10.12 -4.45 -14.80
HO1 EDO I . -12.02 -3.69 -14.61
H21 EDO I . -8.43 -2.36 -14.96
H22 EDO I . -9.80 -2.40 -16.03
HO2 EDO I . -9.64 -0.38 -15.07
C1 EDO J . -10.71 -7.31 1.77
O1 EDO J . -11.93 -7.87 2.13
C2 EDO J . -9.75 -8.40 1.25
O2 EDO J . -9.16 -9.09 2.30
H11 EDO J . -10.84 -6.52 1.03
H12 EDO J . -10.36 -6.84 2.67
HO1 EDO J . -12.60 -7.31 1.66
H21 EDO J . -10.33 -9.16 0.73
H22 EDO J . -9.02 -7.99 0.55
HO2 EDO J . -8.95 -10.00 1.97
C1 EDO K . 0.08 15.51 1.58
O1 EDO K . 1.07 14.51 1.55
C2 EDO K . -0.90 15.28 0.43
O2 EDO K . -1.95 16.23 0.50
H11 EDO K . -0.43 15.57 2.54
H12 EDO K . 0.62 16.45 1.46
HO1 EDO K . 1.57 14.62 0.71
H21 EDO K . -0.42 15.44 -0.52
H22 EDO K . -1.27 14.25 0.42
HO2 EDO K . -2.38 16.14 1.39
C1 EDO L . -9.33 -0.22 -7.10
O1 EDO L . -10.66 0.18 -7.35
C2 EDO L . -9.18 -1.69 -6.65
O2 EDO L . -7.95 -1.93 -6.08
H11 EDO L . -8.72 -0.05 -7.99
H12 EDO L . -8.97 0.46 -6.32
HO1 EDO L . -11.23 -0.18 -6.61
H21 EDO L . -9.91 -1.94 -5.89
H22 EDO L . -9.32 -2.40 -7.47
HO2 EDO L . -7.35 -2.28 -6.80
C1 EDO M . -9.86 -7.93 5.06
O1 EDO M . -10.06 -6.91 6.03
C2 EDO M . -9.18 -9.15 5.70
O2 EDO M . -10.00 -9.60 6.75
H11 EDO M . -10.78 -8.19 4.55
H12 EDO M . -9.20 -7.47 4.32
HO1 EDO M . -10.84 -7.20 6.57
H21 EDO M . -9.11 -9.98 5.00
H22 EDO M . -8.17 -8.91 6.02
HO2 EDO M . -10.44 -10.44 6.44
C1 EDO N . -2.63 17.52 -19.72
O1 EDO N . -3.46 17.84 -18.62
C2 EDO N . -1.59 16.49 -19.27
O2 EDO N . -0.44 17.02 -18.64
H11 EDO N . -3.20 17.17 -20.58
H12 EDO N . -2.17 18.46 -20.01
HO1 EDO N . -4.10 17.09 -18.50
H21 EDO N . -2.04 15.91 -18.46
H22 EDO N . -1.35 15.83 -20.09
HO2 EDO N . 0.14 16.25 -18.40
C1 EDO O . 2.01 11.12 -3.01
O1 EDO O . 3.15 11.91 -3.29
C2 EDO O . 2.38 9.92 -2.12
O2 EDO O . 3.79 9.72 -2.06
H11 EDO O . 1.20 11.69 -2.57
H12 EDO O . 1.66 10.79 -3.99
HO1 EDO O . 2.86 12.62 -3.92
H21 EDO O . 2.08 10.12 -1.10
H22 EDO O . 1.85 9.02 -2.44
HO2 EDO O . 4.10 10.09 -1.18
C1 EDO P . -0.93 -7.76 6.23
O1 EDO P . -1.69 -8.19 7.34
C2 EDO P . 0.24 -8.74 6.01
O2 EDO P . 0.77 -8.53 4.71
H11 EDO P . -1.54 -7.66 5.32
H12 EDO P . -0.58 -6.76 6.50
HO1 EDO P . -2.65 -8.04 7.12
H21 EDO P . 1.07 -8.51 6.68
H22 EDO P . -0.05 -9.76 6.18
HO2 EDO P . 1.53 -9.16 4.60
C1 EDO Q . -25.93 -42.74 0.91
O1 EDO Q . -26.28 -43.55 -0.18
C2 EDO Q . -26.88 -43.01 2.08
O2 EDO Q . -26.56 -42.12 3.14
H11 EDO Q . -24.89 -42.86 1.22
H12 EDO Q . -26.03 -41.72 0.55
HO1 EDO Q . -25.66 -43.33 -0.93
H21 EDO Q . -27.91 -42.77 1.81
H22 EDO Q . -26.85 -44.05 2.39
HO2 EDO Q . -25.66 -42.37 3.47
C1 EDO R . -28.55 -39.29 -6.99
O1 EDO R . -29.95 -39.29 -6.80
C2 EDO R . -28.00 -40.72 -6.78
O2 EDO R . -26.59 -40.69 -6.75
H11 EDO R . -28.27 -38.90 -7.98
H12 EDO R . -28.15 -38.59 -6.25
HO1 EDO R . -30.35 -39.78 -7.56
H21 EDO R . -28.30 -41.11 -5.80
H22 EDO R . -28.39 -41.39 -7.52
HO2 EDO R . -26.27 -41.24 -7.51
C1 EDO S . 11.79 0.30 -22.19
O1 EDO S . 10.98 -0.68 -21.54
C2 EDO S . 11.57 0.28 -23.72
O2 EDO S . 12.34 1.31 -24.31
H11 EDO S . 11.62 1.30 -21.79
H12 EDO S . 12.80 0.03 -21.93
HO1 EDO S . 10.03 -0.38 -21.60
H21 EDO S . 11.96 -0.64 -24.15
H22 EDO S . 10.51 0.34 -23.97
HO2 EDO S . 13.29 1.08 -24.17
C1 EDO T . 6.29 -36.57 -21.20
O1 EDO T . 5.18 -36.73 -22.06
C2 EDO T . 6.28 -37.67 -20.14
O2 EDO T . 6.38 -38.92 -20.80
H11 EDO T . 7.24 -36.59 -21.74
H12 EDO T . 6.18 -35.59 -20.75
HO1 EDO T . 5.43 -37.40 -22.75
H21 EDO T . 7.16 -37.61 -19.50
H22 EDO T . 5.40 -37.58 -19.50
HO2 EDO T . 7.30 -38.96 -21.17
C1 EDO U . -30.57 -9.78 4.86
O1 EDO U . -30.15 -10.48 3.69
C2 EDO U . -30.43 -10.69 6.11
O2 EDO U . -30.62 -9.90 7.28
H11 EDO U . -30.02 -8.84 4.99
H12 EDO U . -31.60 -9.53 4.67
HO1 EDO U . -30.53 -10.00 2.91
H21 EDO U . -31.24 -11.43 6.16
H22 EDO U . -29.50 -11.25 6.12
HO2 EDO U . -29.71 -9.59 7.55
S SO4 V . 4.49 -44.96 -14.10
O1 SO4 V . 5.42 -44.52 -13.06
O2 SO4 V . 3.19 -44.44 -13.80
O3 SO4 V . 4.90 -44.44 -15.41
O4 SO4 V . 4.43 -46.43 -14.13
S SO4 W . 8.77 -0.53 -10.50
O1 SO4 W . 9.82 -1.37 -9.92
O2 SO4 W . 7.51 -0.69 -9.77
O3 SO4 W . 9.21 0.86 -10.46
O4 SO4 W . 8.57 -0.93 -11.90
S SO4 X . -9.63 -20.14 -15.83
O1 SO4 X . -9.99 -20.69 -14.53
O2 SO4 X . -10.86 -19.76 -16.55
O3 SO4 X . -8.78 -18.96 -15.65
O4 SO4 X . -8.91 -21.15 -16.60
S SO4 Y . -4.76 -16.91 6.83
O1 SO4 Y . -4.57 -18.34 7.10
O2 SO4 Y . -5.78 -16.37 7.73
O3 SO4 Y . -3.50 -16.20 7.03
O4 SO4 Y . -5.18 -16.75 5.44
S SO4 Z . -22.32 -25.64 -18.28
O1 SO4 Z . -20.88 -25.53 -18.49
O2 SO4 Z . -22.61 -25.54 -16.86
O3 SO4 Z . -23.01 -24.57 -18.99
O4 SO4 Z . -22.78 -26.95 -18.77
S SO4 AA . -1.04 -29.39 -14.13
O1 SO4 AA . -0.40 -30.05 -13.01
O2 SO4 AA . -2.48 -29.68 -14.11
O3 SO4 AA . -0.83 -27.94 -14.02
O4 SO4 AA . -0.47 -29.87 -15.39
S SO4 BA . -16.43 -54.58 -21.22
O1 SO4 BA . -15.88 -55.40 -20.14
O2 SO4 BA . -16.57 -53.19 -20.77
O3 SO4 BA . -15.53 -54.62 -22.37
O4 SO4 BA . -17.75 -55.10 -21.61
C1 PEG CA . -16.24 9.08 1.69
O1 PEG CA . -16.19 8.69 3.07
C2 PEG CA . -15.95 7.94 0.77
O2 PEG CA . -14.70 8.12 0.10
C3 PEG CA . -13.58 7.94 0.94
C4 PEG CA . -12.46 7.29 0.21
O4 PEG CA . -11.30 7.09 1.06
H11 PEG CA . -17.19 9.56 1.47
H12 PEG CA . -15.49 9.87 1.61
HO1 PEG CA . -17.12 8.51 3.37
H21 PEG CA . -15.96 7.01 1.31
H22 PEG CA . -16.74 7.85 0.03
H31 PEG CA . -13.24 8.91 1.32
H32 PEG CA . -13.84 7.34 1.82
H41 PEG CA . -12.74 6.28 -0.09
H42 PEG CA . -12.21 7.81 -0.71
HO4 PEG CA . -10.81 6.29 0.74
C1 PEG DA . 4.74 14.17 -1.28
O1 PEG DA . 4.87 13.88 -2.66
C2 PEG DA . 4.61 12.96 -0.41
O2 PEG DA . 5.80 12.19 -0.41
C3 PEG DA . 6.86 12.69 0.40
C4 PEG DA . 7.23 11.66 1.44
O4 PEG DA . 8.62 11.37 1.40
H11 PEG DA . 5.57 14.81 -0.97
H12 PEG DA . 3.84 14.80 -1.23
HO1 PEG DA . 5.03 14.73 -3.14
H21 PEG DA . 4.35 13.26 0.60
H22 PEG DA . 3.78 12.34 -0.75
H31 PEG DA . 7.73 12.92 -0.20
H32 PEG DA . 6.57 13.61 0.88
H41 PEG DA . 7.06 12.04 2.45
H42 PEG DA . 6.63 10.75 1.35
HO4 PEG DA . 8.72 10.37 1.38
C1 PEG EA . -1.48 21.58 -19.00
O1 PEG EA . -2.88 21.35 -18.92
C2 PEG EA . -0.71 20.39 -18.50
O2 PEG EA . 0.37 20.03 -19.35
C3 PEG EA . 1.42 19.30 -18.73
C4 PEG EA . 2.56 20.19 -18.41
O4 PEG EA . 2.17 21.24 -17.56
H11 PEG EA . -1.17 21.91 -20.00
H12 PEG EA . -1.33 22.43 -18.34
HO1 PEG EA . -3.32 22.24 -18.90
H21 PEG EA . -0.26 20.70 -17.56
H22 PEG EA . -1.36 19.56 -18.27
H31 PEG EA . 1.09 18.80 -17.82
H32 PEG EA . 1.75 18.51 -19.40
H41 PEG EA . 3.32 19.67 -17.85
H42 PEG EA . 3.02 20.57 -19.32
HO4 PEG EA . 1.97 20.84 -16.67
C1 EDO FA . 5.31 38.15 13.33
O1 EDO FA . 4.98 39.35 14.03
C2 EDO FA . 5.46 36.94 14.29
O2 EDO FA . 6.58 36.16 13.91
H11 EDO FA . 4.61 37.92 12.52
H12 EDO FA . 6.27 38.37 12.85
HO1 EDO FA . 4.29 39.83 13.49
H21 EDO FA . 5.68 37.27 15.30
H22 EDO FA . 4.55 36.34 14.32
HO2 EDO FA . 7.04 35.87 14.74
C1 EDO GA . -11.08 30.59 -2.56
O1 EDO GA . -11.98 31.36 -1.77
C2 EDO GA . -9.82 30.26 -1.73
O2 EDO GA . -8.81 29.67 -2.53
H11 EDO GA . -11.55 29.70 -2.97
H12 EDO GA . -10.83 31.22 -3.40
HO1 EDO GA . -11.70 32.31 -1.85
H21 EDO GA . -9.38 31.17 -1.32
H22 EDO GA . -10.08 29.64 -0.87
HO2 EDO GA . -8.00 29.59 -1.97
S SO4 HA . 5.66 55.91 13.48
O1 SO4 HA . 6.21 56.88 14.43
O2 SO4 HA . 4.54 55.22 14.12
O3 SO4 HA . 5.20 56.62 12.28
O4 SO4 HA . 6.70 54.95 13.12
#